data_4L5T
#
_entry.id   4L5T
#
_cell.length_a   61.892
_cell.length_b   71.860
_cell.length_c   95.465
_cell.angle_alpha   90.000
_cell.angle_beta   102.380
_cell.angle_gamma   90.000
#
_symmetry.space_group_name_H-M   'P 1 21 1'
#
_entity_poly.entity_id   1
_entity_poly.type   'polypeptide(L)'
_entity_poly.pdbx_seq_one_letter_code
;SKLLKESFEGDGYHKGPKQVVALKATKLFTYDSIKSKKMFHATVATDTEFFRVMVFEENLEKKFIPGNTIALSDYFGMYG
SLAIHEYSSVSEVKSQNKEDSSSSDERPIEHLKICDLHLQTEERLVDGEFKVYRKSSGNNCICYGIWDDTGAMKVVVSGQ
LTSVNCEIGNTIRLVCFELTSNADEWFLRATRYSYMEVIMPEK
;
_entity_poly.pdbx_strand_id   A,B,C,D
#
# COMPACT_ATOMS: atom_id res chain seq x y z
N LEU A 3 -32.15 15.70 -12.02
CA LEU A 3 -31.74 14.43 -12.64
C LEU A 3 -30.83 14.74 -13.82
N LEU A 4 -29.90 15.67 -13.60
CA LEU A 4 -29.03 16.17 -14.64
C LEU A 4 -27.88 15.21 -14.92
N LYS A 5 -27.40 15.22 -16.15
CA LYS A 5 -26.31 14.33 -16.55
C LYS A 5 -24.95 14.94 -16.26
N GLU A 6 -23.99 14.11 -15.86
CA GLU A 6 -22.60 14.52 -15.77
C GLU A 6 -22.16 15.01 -17.14
N SER A 7 -21.06 15.76 -17.20
CA SER A 7 -20.59 16.26 -18.48
C SER A 7 -19.13 16.65 -18.45
N PHE A 8 -18.44 16.42 -19.55
CA PHE A 8 -17.07 16.87 -19.73
C PHE A 8 -17.01 17.97 -20.77
N GLU A 9 -16.71 19.19 -20.37
CA GLU A 9 -16.47 20.24 -21.32
C GLU A 9 -15.18 19.87 -22.03
N GLY A 10 -15.21 19.86 -23.36
CA GLY A 10 -14.04 19.51 -24.14
C GLY A 10 -12.86 20.36 -23.74
N ASP A 11 -11.67 19.77 -23.68
CA ASP A 11 -10.49 20.52 -23.31
C ASP A 11 -10.02 21.41 -24.45
N GLY A 12 -9.39 22.53 -24.10
CA GLY A 12 -9.00 23.54 -25.07
C GLY A 12 -9.66 24.86 -24.72
N TYR A 13 -9.37 25.91 -25.49
CA TYR A 13 -9.99 27.21 -25.28
C TYR A 13 -11.46 27.15 -25.70
N HIS A 14 -12.26 28.05 -25.14
CA HIS A 14 -13.66 28.13 -25.53
C HIS A 14 -14.08 29.60 -25.63
N LYS A 15 -14.13 30.13 -26.85
CA LYS A 15 -14.61 31.49 -27.04
C LYS A 15 -16.12 31.42 -27.21
N GLY A 16 -16.76 32.58 -27.35
CA GLY A 16 -18.20 32.62 -27.53
C GLY A 16 -18.94 32.40 -26.22
N PRO A 17 -20.19 32.88 -26.14
CA PRO A 17 -20.99 32.84 -24.92
C PRO A 17 -21.71 31.51 -24.74
N LYS A 18 -21.62 30.98 -23.52
CA LYS A 18 -22.29 29.75 -23.16
C LYS A 18 -22.94 29.96 -21.80
N GLN A 19 -24.27 30.08 -21.79
CA GLN A 19 -25.01 30.43 -20.60
C GLN A 19 -25.29 29.22 -19.71
N VAL A 20 -25.08 29.39 -18.39
CA VAL A 20 -25.31 28.32 -17.43
C VAL A 20 -26.10 28.81 -16.22
N VAL A 21 -26.57 27.86 -15.43
CA VAL A 21 -27.16 28.17 -14.15
C VAL A 21 -26.23 27.71 -13.07
N ALA A 22 -25.90 28.60 -12.14
CA ALA A 22 -24.91 28.27 -11.13
C ALA A 22 -25.55 27.81 -9.85
N LEU A 23 -25.64 26.51 -9.69
CA LEU A 23 -26.29 25.95 -8.52
C LEU A 23 -25.58 26.18 -7.20
N LYS A 24 -24.28 25.96 -7.16
CA LYS A 24 -23.57 25.91 -5.87
C LYS A 24 -22.09 26.24 -5.93
N ALA A 25 -21.54 26.63 -4.78
CA ALA A 25 -20.14 27.01 -4.74
C ALA A 25 -19.54 26.94 -3.35
N THR A 26 -18.21 27.00 -3.31
CA THR A 26 -17.46 26.84 -2.08
C THR A 26 -16.74 28.08 -1.68
N LYS A 27 -16.57 28.26 -0.38
CA LYS A 27 -15.97 29.48 0.11
C LYS A 27 -14.59 29.57 -0.48
N LEU A 28 -14.18 30.78 -0.77
CA LEU A 28 -12.89 31.02 -1.39
C LEU A 28 -11.77 30.53 -0.48
N PHE A 29 -10.90 29.69 -1.02
CA PHE A 29 -9.75 29.20 -0.25
C PHE A 29 -8.44 29.54 -0.93
N THR A 30 -7.33 29.15 -0.31
CA THR A 30 -6.04 29.28 -0.94
C THR A 30 -5.57 27.90 -1.42
N TYR A 31 -5.26 27.79 -2.70
CA TYR A 31 -4.80 26.52 -3.26
C TYR A 31 -3.28 26.48 -3.26
N ASP A 32 -2.68 27.66 -3.27
CA ASP A 32 -1.23 27.79 -3.20
C ASP A 32 -0.93 28.83 -2.13
N SER A 33 -0.48 28.37 -0.97
CA SER A 33 -0.15 29.30 0.11
C SER A 33 1.23 29.92 -0.12
N ILE A 34 2.06 29.26 -0.90
CA ILE A 34 3.42 29.74 -1.20
C ILE A 34 3.41 31.08 -1.93
N LYS A 35 2.65 31.17 -3.00
CA LYS A 35 2.57 32.39 -3.79
C LYS A 35 1.32 33.22 -3.44
N SER A 36 0.59 32.76 -2.41
CA SER A 36 -0.61 33.43 -1.91
C SER A 36 -1.76 33.52 -2.92
N LYS A 37 -1.67 32.73 -3.99
CA LYS A 37 -2.74 32.66 -4.98
C LYS A 37 -3.94 31.93 -4.40
N LYS A 38 -5.14 32.44 -4.70
CA LYS A 38 -6.37 31.84 -4.19
C LYS A 38 -7.32 31.44 -5.33
N MET A 39 -8.34 30.64 -5.02
CA MET A 39 -9.32 30.20 -6.01
C MET A 39 -10.59 29.74 -5.31
N PHE A 40 -11.49 29.10 -6.06
CA PHE A 40 -12.58 28.32 -5.47
C PHE A 40 -13.28 27.45 -6.52
N HIS A 41 -14.24 26.64 -6.09
CA HIS A 41 -14.88 25.64 -6.95
C HIS A 41 -16.40 25.81 -7.02
N ALA A 42 -16.95 25.57 -8.20
CA ALA A 42 -18.39 25.75 -8.40
C ALA A 42 -18.96 24.82 -9.46
N THR A 43 -20.22 24.49 -9.29
CA THR A 43 -20.91 23.63 -10.24
C THR A 43 -22.02 24.41 -10.94
N VAL A 44 -21.91 24.51 -12.26
CA VAL A 44 -22.90 25.20 -13.06
C VAL A 44 -23.72 24.16 -13.84
N ALA A 45 -24.81 24.60 -14.45
CA ALA A 45 -25.67 23.69 -15.18
C ALA A 45 -26.54 24.39 -16.21
N THR A 46 -26.74 23.74 -17.35
CA THR A 46 -27.86 24.08 -18.21
C THR A 46 -28.99 23.28 -17.61
N ASP A 47 -30.12 23.14 -18.28
CA ASP A 47 -31.19 22.32 -17.69
C ASP A 47 -31.26 20.89 -18.24
N THR A 48 -30.18 20.46 -18.89
CA THR A 48 -30.09 19.10 -19.40
C THR A 48 -28.87 18.37 -18.82
N GLU A 49 -27.77 19.10 -18.67
CA GLU A 49 -26.56 18.54 -18.05
C GLU A 49 -25.86 19.59 -17.18
N PHE A 50 -25.03 19.15 -16.25
CA PHE A 50 -24.30 20.06 -15.36
C PHE A 50 -22.78 19.92 -15.46
N PHE A 51 -22.09 21.05 -15.31
CA PHE A 51 -20.64 21.09 -15.46
C PHE A 51 -20.00 21.52 -14.15
N ARG A 52 -18.69 21.30 -14.03
CA ARG A 52 -17.96 21.72 -12.84
C ARG A 52 -16.87 22.72 -13.20
N VAL A 53 -16.83 23.84 -12.48
CA VAL A 53 -15.95 24.95 -12.83
C VAL A 53 -14.90 25.29 -11.76
N MET A 54 -13.73 25.73 -12.21
CA MET A 54 -12.63 26.13 -11.33
C MET A 54 -12.30 27.60 -11.52
N VAL A 55 -12.74 28.44 -10.59
CA VAL A 55 -12.53 29.88 -10.70
C VAL A 55 -11.19 30.32 -10.12
N PHE A 56 -10.42 31.11 -10.88
CA PHE A 56 -9.13 31.58 -10.42
C PHE A 56 -9.12 33.07 -10.04
N GLU A 57 -10.23 33.75 -10.27
CA GLU A 57 -10.31 35.18 -9.96
C GLU A 57 -11.00 35.40 -8.63
N GLU A 58 -10.26 35.94 -7.66
CA GLU A 58 -10.76 36.14 -6.31
C GLU A 58 -12.03 36.97 -6.30
N ASN A 59 -11.99 38.12 -6.98
CA ASN A 59 -13.14 39.01 -7.05
C ASN A 59 -14.13 38.62 -8.14
N LEU A 60 -14.47 37.34 -8.21
CA LEU A 60 -15.42 36.87 -9.20
C LEU A 60 -16.48 35.97 -8.58
N GLU A 61 -16.33 35.69 -7.29
CA GLU A 61 -17.25 34.79 -6.58
C GLU A 61 -18.65 35.38 -6.47
N LYS A 62 -18.73 36.69 -6.61
CA LYS A 62 -19.99 37.42 -6.49
C LYS A 62 -21.03 36.97 -7.52
N LYS A 63 -20.56 36.57 -8.70
CA LYS A 63 -21.46 36.26 -9.82
C LYS A 63 -21.97 34.82 -9.81
N PHE A 64 -21.36 33.97 -8.97
CA PHE A 64 -21.72 32.55 -8.94
C PHE A 64 -22.74 32.20 -7.84
N ILE A 65 -23.54 33.19 -7.44
CA ILE A 65 -24.58 32.99 -6.46
C ILE A 65 -25.57 31.93 -6.93
N PRO A 66 -25.97 31.03 -6.02
CA PRO A 66 -26.98 30.00 -6.33
C PRO A 66 -28.25 30.60 -6.91
N GLY A 67 -28.54 30.29 -8.18
CA GLY A 67 -29.71 30.79 -8.87
C GLY A 67 -29.37 31.58 -10.12
N ASN A 68 -28.38 32.46 -10.00
CA ASN A 68 -27.95 33.32 -11.10
C ASN A 68 -27.64 32.59 -12.38
N THR A 69 -28.51 32.73 -13.37
CA THR A 69 -28.17 32.28 -14.72
C THR A 69 -27.11 33.25 -15.21
N ILE A 70 -25.97 32.71 -15.64
CA ILE A 70 -24.86 33.55 -16.09
C ILE A 70 -24.30 33.01 -17.40
N ALA A 71 -23.54 33.84 -18.11
CA ALA A 71 -22.96 33.42 -19.38
C ALA A 71 -21.45 33.33 -19.29
N LEU A 72 -20.92 32.15 -19.63
CA LEU A 72 -19.48 31.92 -19.59
C LEU A 72 -18.89 32.09 -20.98
N SER A 73 -17.81 32.85 -21.06
CA SER A 73 -17.11 33.04 -22.32
C SER A 73 -15.62 32.97 -22.04
N ASP A 74 -14.81 32.89 -23.09
CA ASP A 74 -13.35 32.91 -22.97
C ASP A 74 -12.77 32.00 -21.89
N TYR A 75 -13.51 30.96 -21.54
CA TYR A 75 -13.05 30.05 -20.49
C TYR A 75 -12.13 28.99 -21.06
N PHE A 76 -11.70 28.07 -20.19
CA PHE A 76 -10.74 27.06 -20.57
C PHE A 76 -11.16 25.70 -20.04
N GLY A 77 -11.05 24.68 -20.88
CA GLY A 77 -11.33 23.31 -20.47
C GLY A 77 -10.04 22.53 -20.32
N MET A 78 -9.91 21.81 -19.21
CA MET A 78 -8.81 20.90 -19.00
C MET A 78 -9.18 19.93 -17.89
N TYR A 79 -8.77 18.67 -18.06
CA TYR A 79 -9.04 17.61 -17.09
C TYR A 79 -10.54 17.46 -16.77
N GLY A 80 -11.39 17.97 -17.65
CA GLY A 80 -12.82 17.80 -17.52
C GLY A 80 -13.51 18.87 -16.68
N SER A 81 -12.90 20.04 -16.61
CA SER A 81 -13.49 21.13 -15.83
C SER A 81 -13.35 22.47 -16.52
N LEU A 82 -14.04 23.48 -15.99
CA LEU A 82 -13.99 24.81 -16.55
C LEU A 82 -13.05 25.70 -15.76
N ALA A 83 -12.04 26.24 -16.44
CA ALA A 83 -11.08 27.11 -15.80
C ALA A 83 -11.38 28.57 -16.08
N ILE A 84 -12.15 29.19 -15.19
CA ILE A 84 -12.39 30.62 -15.27
C ILE A 84 -11.28 31.33 -14.49
N HIS A 85 -10.46 32.06 -15.23
CA HIS A 85 -9.19 32.57 -14.73
C HIS A 85 -9.23 34.05 -14.40
N GLU A 86 -10.13 34.79 -15.06
CA GLU A 86 -10.19 36.24 -14.84
C GLU A 86 -11.58 36.85 -15.01
N TYR A 87 -11.78 37.96 -14.32
CA TYR A 87 -13.04 38.71 -14.24
C TYR A 87 -13.73 38.94 -15.60
N SER A 88 -12.92 39.30 -16.60
CA SER A 88 -13.37 39.68 -17.94
C SER A 88 -14.45 38.79 -18.57
N SER A 89 -14.32 37.49 -18.37
CA SER A 89 -15.04 36.52 -19.18
C SER A 89 -16.37 36.02 -18.60
N VAL A 90 -16.73 36.50 -17.41
CA VAL A 90 -18.01 36.11 -16.82
C VAL A 90 -19.00 37.26 -16.92
N SER A 91 -20.02 37.08 -17.75
CA SER A 91 -21.07 38.08 -17.87
C SER A 91 -22.27 37.69 -17.01
N GLU A 92 -23.33 38.48 -17.08
CA GLU A 92 -24.47 38.30 -16.19
C GLU A 92 -25.80 38.37 -16.93
N VAL A 93 -26.81 37.65 -16.44
CA VAL A 93 -28.12 37.64 -17.06
C VAL A 93 -29.21 38.09 -16.07
N LEU A 112 -22.92 10.41 -5.97
CA LEU A 112 -22.01 9.29 -6.22
C LEU A 112 -21.68 8.46 -4.98
N LYS A 113 -22.43 7.38 -4.76
CA LYS A 113 -22.14 6.44 -3.68
C LYS A 113 -20.76 5.80 -3.85
N ILE A 114 -20.29 5.07 -2.84
CA ILE A 114 -18.92 4.54 -2.84
C ILE A 114 -18.68 3.34 -3.75
N CYS A 115 -19.55 2.34 -3.69
CA CYS A 115 -19.38 1.12 -4.48
C CYS A 115 -19.19 1.46 -5.95
N ASP A 116 -19.96 2.45 -6.40
CA ASP A 116 -19.92 2.94 -7.77
C ASP A 116 -18.51 3.32 -8.23
N LEU A 117 -17.74 3.99 -7.37
CA LEU A 117 -16.40 4.44 -7.73
C LEU A 117 -15.43 3.29 -7.94
N HIS A 118 -15.74 2.15 -7.36
CA HIS A 118 -14.89 0.99 -7.51
C HIS A 118 -15.27 0.28 -8.79
N LEU A 119 -16.53 0.39 -9.15
CA LEU A 119 -17.04 -0.22 -10.37
C LEU A 119 -16.53 0.54 -11.59
N GLN A 120 -16.00 1.74 -11.37
CA GLN A 120 -15.58 2.60 -12.47
C GLN A 120 -14.34 2.07 -13.21
N THR A 121 -14.15 2.63 -14.39
CA THR A 121 -13.17 2.18 -15.33
C THR A 121 -12.16 3.25 -15.64
N GLU A 122 -12.50 4.48 -15.33
CA GLU A 122 -11.68 5.59 -15.76
C GLU A 122 -11.52 6.59 -14.64
N GLU A 123 -10.34 7.16 -14.51
CA GLU A 123 -10.13 8.13 -13.48
C GLU A 123 -11.02 9.30 -13.79
N ARG A 124 -11.75 9.77 -12.79
CA ARG A 124 -12.68 10.86 -12.96
C ARG A 124 -12.20 11.99 -12.09
N LEU A 125 -13.12 12.82 -11.62
CA LEU A 125 -12.90 13.69 -10.50
C LEU A 125 -14.11 13.51 -9.60
N VAL A 126 -13.91 13.50 -8.29
CA VAL A 126 -15.03 13.21 -7.41
C VAL A 126 -15.30 14.30 -6.37
N ASP A 127 -16.58 14.57 -6.15
CA ASP A 127 -17.05 15.38 -5.03
C ASP A 127 -17.92 14.48 -4.18
N GLY A 128 -18.28 14.95 -2.98
CA GLY A 128 -19.17 14.20 -2.12
C GLY A 128 -18.95 14.44 -0.64
N GLU A 129 -19.85 13.89 0.17
CA GLU A 129 -19.74 13.96 1.61
C GLU A 129 -19.70 12.55 2.18
N PHE A 130 -18.61 12.20 2.86
CA PHE A 130 -18.50 10.86 3.46
C PHE A 130 -18.04 10.89 4.92
N LYS A 131 -18.51 9.92 5.70
CA LYS A 131 -18.05 9.74 7.08
C LYS A 131 -16.63 9.21 7.10
N VAL A 132 -15.88 9.53 8.16
CA VAL A 132 -14.53 8.99 8.29
C VAL A 132 -14.46 7.95 9.40
N TYR A 133 -13.84 6.81 9.11
CA TYR A 133 -13.75 5.70 10.06
C TYR A 133 -12.32 5.44 10.52
N ARG A 134 -11.34 5.97 9.80
CA ARG A 134 -9.95 5.77 10.16
C ARG A 134 -9.08 6.89 9.62
N LYS A 135 -7.94 7.08 10.25
CA LYS A 135 -7.00 8.10 9.84
C LYS A 135 -5.62 7.55 10.18
N SER A 136 -4.58 8.06 9.51
CA SER A 136 -3.24 7.55 9.72
C SER A 136 -2.23 8.37 8.96
N SER A 137 -0.96 8.24 9.32
CA SER A 137 0.12 8.91 8.60
C SER A 137 0.59 8.04 7.47
N GLY A 138 1.19 8.70 6.49
CA GLY A 138 1.56 8.15 5.22
C GLY A 138 2.97 8.52 4.87
N ASN A 139 3.40 8.10 3.70
CA ASN A 139 4.78 8.30 3.34
C ASN A 139 5.05 9.76 3.37
N ASN A 140 4.19 10.55 2.78
CA ASN A 140 4.27 11.97 2.93
C ASN A 140 2.88 12.45 2.91
N CYS A 141 2.04 11.52 3.27
CA CYS A 141 0.61 11.59 3.08
C CYS A 141 -0.14 11.69 4.41
N ILE A 142 -1.43 11.99 4.33
CA ILE A 142 -2.39 11.67 5.38
C ILE A 142 -3.47 10.76 4.78
N CYS A 143 -3.36 9.46 5.06
CA CYS A 143 -4.26 8.47 4.53
C CYS A 143 -5.54 8.41 5.40
N TYR A 144 -6.70 8.64 4.80
CA TYR A 144 -7.96 8.42 5.52
C TYR A 144 -8.71 7.25 4.91
N GLY A 145 -9.68 6.76 5.65
CA GLY A 145 -10.61 5.78 5.12
C GLY A 145 -12.00 6.34 5.26
N ILE A 146 -12.76 6.33 4.17
CA ILE A 146 -14.11 6.87 4.23
C ILE A 146 -15.19 5.79 4.22
N TRP A 147 -16.03 5.86 5.24
CA TRP A 147 -17.10 4.94 5.50
C TRP A 147 -18.27 5.31 4.56
N ASP A 148 -19.18 4.36 4.32
CA ASP A 148 -20.35 4.57 3.48
C ASP A 148 -21.30 3.38 3.58
N ASP A 149 -22.60 3.64 3.45
CA ASP A 149 -23.61 2.58 3.47
C ASP A 149 -23.45 1.56 2.35
N THR A 150 -22.55 1.84 1.42
CA THR A 150 -22.34 0.97 0.28
C THR A 150 -20.87 0.57 0.15
N GLY A 151 -20.12 0.64 1.24
CA GLY A 151 -18.74 0.23 1.24
C GLY A 151 -17.76 1.26 1.76
N ALA A 152 -16.47 1.05 1.50
CA ALA A 152 -15.43 1.89 2.04
C ALA A 152 -14.30 2.06 1.03
N MET A 153 -13.50 3.10 1.23
CA MET A 153 -12.49 3.45 0.24
C MET A 153 -11.37 4.30 0.83
N LYS A 154 -10.17 4.11 0.29
CA LYS A 154 -8.99 4.82 0.71
C LYS A 154 -9.05 6.32 0.32
N VAL A 155 -8.52 7.21 1.18
CA VAL A 155 -8.27 8.60 0.78
C VAL A 155 -6.84 9.02 1.09
N VAL A 156 -6.12 9.46 0.06
CA VAL A 156 -4.77 9.96 0.24
C VAL A 156 -4.82 11.48 0.19
N VAL A 157 -4.21 12.13 1.17
CA VAL A 157 -4.11 13.58 1.18
C VAL A 157 -2.68 14.03 1.34
N SER A 158 -2.08 14.51 0.24
CA SER A 158 -0.76 15.11 0.32
C SER A 158 -0.82 16.61 0.11
N GLY A 159 0.34 17.26 0.19
CA GLY A 159 0.45 18.68 -0.01
C GLY A 159 -0.28 19.56 0.98
N GLN A 160 -0.93 20.59 0.48
CA GLN A 160 -1.47 21.63 1.33
C GLN A 160 -2.76 21.25 2.06
N LEU A 161 -3.43 20.20 1.64
CA LEU A 161 -4.70 19.90 2.30
C LEU A 161 -4.58 19.23 3.66
N THR A 162 -3.36 18.83 4.04
CA THR A 162 -3.08 18.23 5.34
C THR A 162 -3.28 19.27 6.43
N SER A 163 -3.17 20.53 6.05
CA SER A 163 -3.39 21.65 6.96
C SER A 163 -4.81 21.65 7.54
N VAL A 164 -5.73 20.98 6.87
CA VAL A 164 -7.08 20.85 7.40
C VAL A 164 -7.11 19.71 8.38
N ASN A 165 -7.50 20.01 9.61
CA ASN A 165 -7.68 18.95 10.60
C ASN A 165 -8.98 18.25 10.33
N CYS A 166 -8.98 16.96 10.64
CA CYS A 166 -10.10 16.07 10.37
C CYS A 166 -9.85 14.85 11.20
N GLU A 167 -10.89 14.38 11.88
CA GLU A 167 -10.78 13.21 12.76
C GLU A 167 -11.89 12.20 12.53
N ILE A 168 -11.60 10.96 12.89
CA ILE A 168 -12.55 9.86 12.87
C ILE A 168 -13.88 10.22 13.51
N GLY A 169 -14.97 10.00 12.78
CA GLY A 169 -16.29 10.35 13.27
C GLY A 169 -16.86 11.56 12.57
N ASN A 170 -15.97 12.38 12.00
CA ASN A 170 -16.36 13.55 11.25
C ASN A 170 -16.97 13.19 9.89
N THR A 171 -17.60 14.18 9.26
CA THR A 171 -18.06 14.04 7.88
C THR A 171 -17.27 14.99 7.00
N ILE A 172 -16.57 14.44 6.01
CA ILE A 172 -15.78 15.26 5.11
C ILE A 172 -16.51 15.55 3.79
N ARG A 173 -16.49 16.83 3.38
CA ARG A 173 -16.87 17.25 2.04
C ARG A 173 -15.63 17.29 1.15
N LEU A 174 -15.62 16.47 0.10
CA LEU A 174 -14.51 16.44 -0.85
C LEU A 174 -14.90 17.17 -2.14
N VAL A 175 -13.98 17.91 -2.73
CA VAL A 175 -14.21 18.53 -4.05
C VAL A 175 -12.93 18.56 -4.88
N CYS A 176 -13.08 18.22 -6.15
CA CYS A 176 -11.94 18.08 -7.07
C CYS A 176 -10.90 17.13 -6.49
N PHE A 177 -11.35 15.94 -6.12
CA PHE A 177 -10.47 14.85 -5.69
C PHE A 177 -10.33 13.85 -6.85
N GLU A 178 -9.11 13.40 -7.08
CA GLU A 178 -8.79 12.59 -8.25
C GLU A 178 -8.89 11.07 -7.97
N LEU A 179 -9.95 10.43 -8.46
CA LEU A 179 -10.04 8.95 -8.44
C LEU A 179 -8.89 8.33 -9.22
N THR A 180 -8.13 7.45 -8.57
CA THR A 180 -6.81 7.09 -9.05
C THR A 180 -6.65 5.65 -9.51
N SER A 181 -6.01 5.48 -10.66
CA SER A 181 -5.63 4.18 -11.15
C SER A 181 -4.53 3.58 -10.27
N ASN A 182 -4.64 2.29 -9.98
CA ASN A 182 -3.70 1.62 -9.10
C ASN A 182 -3.95 0.11 -9.07
N ALA A 183 -2.91 -0.67 -8.79
CA ALA A 183 -3.05 -2.13 -8.74
C ALA A 183 -4.01 -2.66 -7.67
N ASP A 184 -3.65 -2.42 -6.40
CA ASP A 184 -4.40 -2.89 -5.24
C ASP A 184 -5.88 -2.57 -5.40
N GLU A 185 -6.15 -1.27 -5.37
CA GLU A 185 -7.49 -0.71 -5.33
C GLU A 185 -7.37 0.69 -5.84
N TRP A 186 -8.49 1.31 -6.16
CA TRP A 186 -8.44 2.70 -6.54
C TRP A 186 -8.73 3.57 -5.32
N PHE A 187 -8.05 4.70 -5.23
CA PHE A 187 -8.18 5.58 -4.09
C PHE A 187 -8.36 7.03 -4.53
N LEU A 188 -8.97 7.85 -3.67
CA LEU A 188 -9.15 9.26 -3.92
C LEU A 188 -7.95 10.07 -3.44
N ARG A 189 -7.01 10.40 -4.33
CA ARG A 189 -5.88 11.26 -3.96
C ARG A 189 -6.26 12.75 -4.03
N ALA A 190 -5.39 13.62 -3.52
CA ALA A 190 -5.63 15.05 -3.61
C ALA A 190 -4.59 15.71 -4.51
N THR A 191 -5.06 16.37 -5.57
CA THR A 191 -4.20 17.07 -6.53
C THR A 191 -4.05 18.53 -6.14
N ARG A 192 -3.50 19.33 -7.06
CA ARG A 192 -3.23 20.75 -6.78
C ARG A 192 -4.47 21.48 -6.30
N TYR A 193 -5.56 21.42 -7.07
CA TYR A 193 -6.70 22.29 -6.83
C TYR A 193 -7.82 21.66 -6.02
N SER A 194 -7.48 20.70 -5.16
CA SER A 194 -8.45 20.01 -4.31
C SER A 194 -8.77 20.79 -3.03
N TYR A 195 -9.96 20.57 -2.47
CA TYR A 195 -10.38 21.28 -1.26
C TYR A 195 -11.15 20.36 -0.31
N MET A 196 -10.82 20.46 0.98
CA MET A 196 -11.42 19.60 1.98
C MET A 196 -12.13 20.44 3.03
N GLU A 197 -13.14 19.87 3.67
CA GLU A 197 -13.97 20.64 4.60
C GLU A 197 -14.85 19.77 5.48
N VAL A 198 -14.76 19.99 6.78
CA VAL A 198 -15.48 19.17 7.76
C VAL A 198 -16.90 19.64 7.97
N ILE A 199 -17.83 18.70 7.88
CA ILE A 199 -19.23 19.01 7.89
C ILE A 199 -19.88 18.50 9.17
N MET A 200 -20.86 19.27 9.67
CA MET A 200 -21.75 18.81 10.74
C MET A 200 -23.06 18.26 10.15
N LYS B 2 25.12 -24.09 -2.75
CA LYS B 2 25.50 -25.40 -2.26
C LYS B 2 24.39 -26.43 -2.49
N LEU B 3 24.50 -27.57 -1.80
CA LEU B 3 23.64 -28.72 -2.04
C LEU B 3 22.46 -28.83 -1.07
N LEU B 4 22.72 -28.57 0.21
CA LEU B 4 21.71 -28.77 1.25
C LEU B 4 20.46 -27.94 0.97
N LYS B 5 19.31 -28.59 0.97
CA LYS B 5 18.06 -27.91 0.63
C LYS B 5 17.28 -27.58 1.89
N GLU B 6 16.34 -26.65 1.76
CA GLU B 6 15.48 -26.26 2.89
C GLU B 6 14.46 -27.32 3.25
N SER B 7 14.05 -27.33 4.51
CA SER B 7 12.92 -28.13 4.92
C SER B 7 12.28 -27.53 6.16
N PHE B 8 11.04 -27.95 6.44
CA PHE B 8 10.32 -27.43 7.59
C PHE B 8 10.01 -28.56 8.58
N GLU B 9 10.61 -28.52 9.77
CA GLU B 9 10.26 -29.47 10.81
C GLU B 9 8.79 -29.31 11.14
N GLY B 10 8.09 -30.44 11.21
CA GLY B 10 6.67 -30.45 11.52
C GLY B 10 6.42 -29.93 12.93
N ASP B 11 5.20 -29.47 13.16
CA ASP B 11 4.85 -28.86 14.45
C ASP B 11 4.59 -29.92 15.51
N GLY B 12 4.58 -29.50 16.77
CA GLY B 12 4.41 -30.42 17.88
C GLY B 12 5.71 -30.67 18.62
N TYR B 13 5.64 -31.46 19.68
CA TYR B 13 6.81 -31.75 20.50
C TYR B 13 7.70 -32.77 19.79
N HIS B 14 9.01 -32.70 20.02
CA HIS B 14 9.94 -33.62 19.38
C HIS B 14 10.96 -34.25 20.35
N LYS B 15 10.58 -35.35 20.99
CA LYS B 15 11.48 -36.04 21.91
C LYS B 15 12.54 -36.77 21.07
N GLY B 16 13.51 -37.38 21.73
CA GLY B 16 14.50 -38.21 21.07
C GLY B 16 15.53 -37.36 20.37
N PRO B 17 16.76 -37.86 20.29
CA PRO B 17 17.84 -37.11 19.65
C PRO B 17 17.68 -37.05 18.13
N LYS B 18 17.65 -35.85 17.59
CA LYS B 18 17.70 -35.65 16.15
C LYS B 18 19.02 -34.94 15.87
N GLN B 19 20.06 -35.71 15.60
CA GLN B 19 21.40 -35.15 15.40
C GLN B 19 21.55 -34.37 14.08
N VAL B 20 22.15 -33.19 14.17
CA VAL B 20 22.32 -32.31 13.02
C VAL B 20 23.64 -31.54 13.13
N VAL B 21 24.15 -31.04 12.01
CA VAL B 21 25.38 -30.25 12.01
C VAL B 21 25.14 -28.73 11.95
N ALA B 22 25.80 -27.98 12.83
CA ALA B 22 25.63 -26.54 12.90
C ALA B 22 26.31 -25.80 11.75
N LEU B 23 25.52 -25.15 10.90
CA LEU B 23 26.07 -24.43 9.77
C LEU B 23 26.41 -23.02 10.16
N LYS B 24 25.39 -22.17 10.31
CA LYS B 24 25.58 -20.79 10.73
C LYS B 24 24.71 -20.41 11.93
N ALA B 25 24.94 -19.21 12.46
CA ALA B 25 24.21 -18.70 13.61
C ALA B 25 24.47 -17.21 13.79
N THR B 26 23.47 -16.49 14.27
CA THR B 26 23.65 -15.06 14.48
C THR B 26 23.99 -14.80 15.95
N LYS B 27 24.47 -13.60 16.23
CA LYS B 27 24.87 -13.24 17.58
C LYS B 27 23.69 -13.39 18.52
N LEU B 28 23.95 -13.35 19.81
CA LEU B 28 22.86 -13.26 20.78
C LEU B 28 22.31 -11.83 20.65
N PHE B 29 21.00 -11.70 20.63
CA PHE B 29 20.36 -10.40 20.48
C PHE B 29 19.06 -10.35 21.26
N THR B 30 18.57 -9.15 21.52
CA THR B 30 17.40 -9.01 22.38
C THR B 30 16.11 -8.78 21.57
N TYR B 31 15.21 -9.75 21.63
CA TYR B 31 13.99 -9.67 20.84
C TYR B 31 12.91 -8.85 21.52
N ASP B 32 12.95 -8.82 22.85
CA ASP B 32 12.11 -7.92 23.62
C ASP B 32 12.98 -7.10 24.57
N SER B 33 13.22 -5.84 24.22
CA SER B 33 14.09 -4.97 25.02
C SER B 33 13.43 -4.54 26.33
N ILE B 34 12.11 -4.39 26.28
CA ILE B 34 11.31 -4.04 27.45
C ILE B 34 11.27 -5.15 28.50
N LYS B 35 10.90 -6.36 28.08
CA LYS B 35 10.82 -7.50 28.99
C LYS B 35 12.17 -8.26 29.06
N SER B 36 13.18 -7.69 28.41
CA SER B 36 14.58 -8.14 28.49
C SER B 36 14.74 -9.63 28.19
N LYS B 37 14.04 -10.09 27.16
CA LYS B 37 14.13 -11.47 26.70
C LYS B 37 15.16 -11.56 25.58
N LYS B 38 15.99 -12.58 25.63
CA LYS B 38 17.06 -12.72 24.66
C LYS B 38 16.98 -14.04 23.91
N MET B 39 17.47 -14.03 22.67
CA MET B 39 17.46 -15.20 21.81
C MET B 39 18.57 -15.09 20.79
N PHE B 40 18.66 -16.08 19.91
CA PHE B 40 19.49 -15.96 18.73
C PHE B 40 19.03 -16.97 17.71
N HIS B 41 19.50 -16.82 16.47
CA HIS B 41 19.07 -17.67 15.39
C HIS B 41 20.26 -18.45 14.88
N ALA B 42 20.02 -19.71 14.51
CA ALA B 42 21.09 -20.56 14.01
C ALA B 42 20.52 -21.49 12.96
N THR B 43 21.34 -21.85 11.99
CA THR B 43 20.94 -22.86 11.01
C THR B 43 21.72 -24.17 11.21
N VAL B 44 21.04 -25.29 11.07
CA VAL B 44 21.67 -26.58 11.23
C VAL B 44 21.24 -27.47 10.10
N ALA B 45 22.04 -28.48 9.78
CA ALA B 45 21.71 -29.36 8.69
C ALA B 45 22.01 -30.82 8.92
N THR B 46 21.26 -31.66 8.22
CA THR B 46 21.50 -33.09 8.16
C THR B 46 22.40 -33.31 6.99
N ASP B 47 22.48 -34.54 6.52
CA ASP B 47 23.19 -34.80 5.29
C ASP B 47 22.51 -34.10 4.14
N THR B 48 21.19 -34.13 4.11
CA THR B 48 20.48 -33.64 2.94
C THR B 48 19.85 -32.27 3.03
N GLU B 49 19.13 -32.00 4.09
CA GLU B 49 18.45 -30.72 4.24
C GLU B 49 18.99 -29.89 5.39
N PHE B 50 18.68 -28.59 5.35
CA PHE B 50 19.00 -27.70 6.45
C PHE B 50 17.74 -27.07 7.02
N PHE B 51 17.75 -26.83 8.33
CA PHE B 51 16.57 -26.34 9.04
C PHE B 51 16.90 -25.00 9.69
N ARG B 52 15.88 -24.26 10.10
CA ARG B 52 16.10 -23.02 10.85
C ARG B 52 15.57 -23.15 12.27
N VAL B 53 16.42 -22.81 13.23
CA VAL B 53 16.09 -22.97 14.64
C VAL B 53 16.19 -21.64 15.44
N MET B 54 15.19 -21.43 16.32
CA MET B 54 15.19 -20.30 17.22
C MET B 54 15.58 -20.74 18.62
N VAL B 55 16.77 -20.32 19.07
CA VAL B 55 17.26 -20.65 20.41
C VAL B 55 16.92 -19.58 21.44
N PHE B 56 16.20 -19.97 22.49
CA PHE B 56 15.80 -19.05 23.53
C PHE B 56 16.69 -19.11 24.75
N GLU B 57 17.66 -20.01 24.73
CA GLU B 57 18.55 -20.18 25.87
C GLU B 57 19.89 -19.53 25.61
N GLU B 58 20.15 -18.43 26.32
CA GLU B 58 21.33 -17.61 26.13
C GLU B 58 22.62 -18.42 26.29
N ASN B 59 22.58 -19.41 27.17
CA ASN B 59 23.76 -20.23 27.46
C ASN B 59 24.04 -21.31 26.43
N LEU B 60 23.71 -21.01 25.18
CA LEU B 60 23.81 -22.01 24.12
C LEU B 60 24.64 -21.56 22.92
N GLU B 61 24.78 -20.26 22.72
CA GLU B 61 25.53 -19.75 21.56
C GLU B 61 26.96 -20.27 21.59
N LYS B 62 27.39 -20.64 22.80
CA LYS B 62 28.65 -21.33 23.03
C LYS B 62 28.66 -22.69 22.33
N LYS B 63 27.46 -23.20 22.01
CA LYS B 63 27.31 -24.57 21.52
C LYS B 63 26.91 -24.76 20.04
N PHE B 64 26.40 -23.70 19.39
CA PHE B 64 26.04 -23.79 17.97
C PHE B 64 27.17 -23.35 17.07
N ILE B 65 28.39 -23.60 17.53
CA ILE B 65 29.60 -23.29 16.81
C ILE B 65 29.62 -24.00 15.45
N PRO B 66 29.96 -23.27 14.37
CA PRO B 66 30.03 -23.81 13.02
C PRO B 66 30.92 -25.07 12.89
N GLY B 67 30.34 -26.18 12.44
CA GLY B 67 31.08 -27.42 12.29
C GLY B 67 30.79 -28.43 13.39
N ASN B 68 30.52 -27.93 14.60
CA ASN B 68 30.18 -28.78 15.74
C ASN B 68 28.88 -29.55 15.52
N THR B 69 28.96 -30.87 15.58
CA THR B 69 27.78 -31.72 15.43
C THR B 69 27.06 -31.84 16.77
N ILE B 70 25.76 -31.55 16.81
CA ILE B 70 25.01 -31.56 18.07
C ILE B 70 23.77 -32.42 18.01
N ALA B 71 23.11 -32.59 19.16
CA ALA B 71 21.99 -33.52 19.27
C ALA B 71 20.76 -32.92 19.93
N LEU B 72 19.73 -32.69 19.13
CA LEU B 72 18.53 -32.00 19.59
C LEU B 72 17.47 -32.95 20.13
N SER B 73 17.31 -32.97 21.44
CA SER B 73 16.27 -33.75 22.08
C SER B 73 15.25 -32.78 22.66
N ASP B 74 14.00 -33.22 22.85
CA ASP B 74 13.00 -32.43 23.57
C ASP B 74 12.66 -31.07 22.96
N TYR B 75 12.93 -30.86 21.69
CA TYR B 75 12.65 -29.57 21.07
C TYR B 75 11.17 -29.39 20.72
N PHE B 76 10.87 -28.36 19.93
CA PHE B 76 9.49 -28.07 19.60
C PHE B 76 9.38 -27.49 18.20
N GLY B 77 8.39 -27.99 17.47
CA GLY B 77 8.15 -27.52 16.12
C GLY B 77 7.05 -26.49 16.13
N MET B 78 7.25 -25.45 15.33
CA MET B 78 6.25 -24.43 15.12
C MET B 78 6.75 -23.53 14.00
N TYR B 79 5.82 -23.00 13.20
CA TYR B 79 6.14 -22.16 12.05
C TYR B 79 7.33 -22.68 11.25
N GLY B 80 7.41 -24.00 11.13
CA GLY B 80 8.43 -24.65 10.33
C GLY B 80 9.82 -24.56 10.90
N SER B 81 9.90 -24.13 12.15
CA SER B 81 11.19 -23.96 12.78
C SER B 81 11.36 -24.85 14.01
N LEU B 82 12.59 -24.89 14.50
CA LEU B 82 12.88 -25.61 15.73
C LEU B 82 12.93 -24.60 16.87
N ALA B 83 12.39 -25.00 18.00
CA ALA B 83 12.33 -24.14 19.16
C ALA B 83 13.10 -24.75 20.31
N ILE B 84 14.36 -24.37 20.44
CA ILE B 84 15.14 -24.71 21.61
C ILE B 84 14.92 -23.63 22.66
N HIS B 85 14.27 -24.04 23.74
CA HIS B 85 13.67 -23.15 24.72
C HIS B 85 14.39 -23.28 26.06
N GLU B 86 15.20 -24.33 26.17
CA GLU B 86 15.88 -24.66 27.42
C GLU B 86 17.26 -25.29 27.17
N TYR B 87 18.08 -25.36 28.22
CA TYR B 87 19.45 -25.86 28.11
C TYR B 87 19.47 -27.38 27.96
N SER B 88 18.58 -28.05 28.68
CA SER B 88 18.51 -29.51 28.71
C SER B 88 18.26 -30.16 27.34
N SER B 89 17.71 -29.38 26.43
CA SER B 89 17.38 -29.86 25.11
C SER B 89 18.58 -30.28 24.30
N VAL B 90 19.70 -29.61 24.47
CA VAL B 90 20.80 -29.79 23.55
C VAL B 90 22.03 -30.40 24.16
N SER B 91 22.64 -31.33 23.44
CA SER B 91 23.84 -32.00 23.90
C SER B 91 24.85 -32.15 22.79
N GLU B 92 26.12 -32.20 23.14
CA GLU B 92 27.22 -32.33 22.18
C GLU B 92 27.48 -33.74 21.67
N VAL B 93 28.18 -33.85 20.55
CA VAL B 93 28.59 -35.13 19.97
C VAL B 93 29.93 -35.06 19.23
N LYS B 94 30.63 -36.18 19.10
CA LYS B 94 31.99 -36.14 18.56
C LYS B 94 31.99 -35.78 17.06
N SER B 95 32.86 -34.85 16.68
CA SER B 95 32.91 -34.38 15.30
C SER B 95 34.24 -34.75 14.63
N GLU B 110 22.71 -22.38 0.98
CA GLU B 110 21.91 -21.74 -0.07
C GLU B 110 21.36 -20.39 0.37
N HIS B 111 20.82 -19.64 -0.59
CA HIS B 111 20.17 -18.36 -0.30
C HIS B 111 19.15 -18.04 -1.38
N LEU B 112 18.24 -17.12 -1.09
CA LEU B 112 17.18 -16.77 -2.04
C LEU B 112 17.31 -15.37 -2.63
N LYS B 113 17.27 -15.30 -3.95
CA LYS B 113 17.25 -14.03 -4.66
C LYS B 113 15.85 -13.45 -4.54
N ILE B 114 15.70 -12.15 -4.79
CA ILE B 114 14.43 -11.46 -4.53
C ILE B 114 13.24 -11.97 -5.34
N CYS B 115 13.36 -11.95 -6.67
CA CYS B 115 12.29 -12.40 -7.57
C CYS B 115 11.68 -13.75 -7.17
N ASP B 116 12.52 -14.67 -6.70
CA ASP B 116 12.06 -15.97 -6.21
C ASP B 116 10.95 -15.80 -5.19
N LEU B 117 11.03 -14.74 -4.40
CA LEU B 117 10.03 -14.44 -3.39
C LEU B 117 8.73 -13.91 -3.97
N HIS B 118 8.81 -13.38 -5.19
CA HIS B 118 7.62 -12.94 -5.89
C HIS B 118 6.97 -14.17 -6.48
N LEU B 119 7.81 -15.18 -6.70
CA LEU B 119 7.41 -16.44 -7.33
C LEU B 119 6.73 -17.44 -6.38
N GLN B 120 6.88 -17.22 -5.07
CA GLN B 120 6.27 -18.08 -4.07
C GLN B 120 4.73 -18.09 -4.15
N THR B 121 4.09 -19.02 -3.45
CA THR B 121 2.64 -19.10 -3.41
C THR B 121 2.22 -19.34 -1.98
N GLU B 122 3.22 -19.58 -1.15
CA GLU B 122 3.01 -19.97 0.23
C GLU B 122 3.97 -19.21 1.08
N GLU B 123 3.43 -18.48 2.06
CA GLU B 123 4.27 -17.54 2.80
C GLU B 123 5.32 -18.18 3.71
N ARG B 124 6.56 -17.76 3.53
CA ARG B 124 7.71 -18.32 4.21
C ARG B 124 8.23 -17.42 5.33
N LEU B 125 9.39 -17.78 5.85
CA LEU B 125 10.24 -16.88 6.63
C LEU B 125 11.51 -16.75 5.83
N VAL B 126 12.12 -15.58 5.88
CA VAL B 126 13.21 -15.28 4.98
C VAL B 126 14.37 -14.67 5.71
N ASP B 127 15.57 -15.18 5.42
CA ASP B 127 16.79 -14.53 5.83
C ASP B 127 17.38 -14.05 4.53
N GLY B 128 18.44 -13.27 4.61
CA GLY B 128 19.13 -12.83 3.41
C GLY B 128 19.70 -11.43 3.54
N GLU B 129 20.42 -10.99 2.51
CA GLU B 129 21.08 -9.70 2.56
C GLU B 129 20.82 -8.89 1.30
N PHE B 130 20.37 -7.64 1.46
CA PHE B 130 19.93 -6.82 0.34
C PHE B 130 20.26 -5.35 0.55
N LYS B 131 20.50 -4.64 -0.54
CA LYS B 131 20.78 -3.21 -0.50
C LYS B 131 19.51 -2.37 -0.42
N VAL B 132 19.58 -1.24 0.27
CA VAL B 132 18.42 -0.35 0.45
C VAL B 132 18.42 0.79 -0.58
N TYR B 133 17.28 1.01 -1.24
CA TYR B 133 17.19 2.10 -2.22
C TYR B 133 16.26 3.24 -1.80
N ARG B 134 15.23 2.92 -1.02
CA ARG B 134 14.34 3.95 -0.51
C ARG B 134 14.07 3.68 0.96
N LYS B 135 13.56 4.68 1.67
CA LYS B 135 13.07 4.51 3.02
C LYS B 135 11.83 5.36 3.09
N SER B 136 10.94 5.06 4.04
CA SER B 136 9.80 5.90 4.31
C SER B 136 9.12 5.45 5.60
N SER B 137 8.32 6.32 6.17
CA SER B 137 7.62 5.99 7.39
C SER B 137 6.21 5.67 6.97
N GLY B 138 5.67 4.58 7.49
CA GLY B 138 4.35 4.16 7.10
C GLY B 138 3.27 4.50 8.10
N ASN B 139 2.31 3.60 8.25
CA ASN B 139 1.24 3.75 9.23
C ASN B 139 1.77 3.76 10.66
N ASN B 140 2.35 2.64 11.08
CA ASN B 140 3.02 2.57 12.36
C ASN B 140 4.31 1.82 12.19
N CYS B 141 5.05 2.17 11.15
CA CYS B 141 6.18 1.35 10.76
C CYS B 141 7.18 2.11 9.91
N ILE B 142 8.21 1.39 9.44
CA ILE B 142 9.13 1.90 8.46
C ILE B 142 9.01 0.99 7.24
N CYS B 143 9.06 1.56 6.04
CA CYS B 143 9.10 0.72 4.86
C CYS B 143 10.41 0.99 4.17
N TYR B 144 11.26 -0.01 4.14
CA TYR B 144 12.44 0.14 3.35
C TYR B 144 12.11 -0.42 1.97
N GLY B 145 12.89 -0.06 0.97
CA GLY B 145 12.83 -0.71 -0.33
C GLY B 145 14.12 -1.48 -0.46
N ILE B 146 14.01 -2.76 -0.83
CA ILE B 146 15.21 -3.54 -1.06
C ILE B 146 15.48 -3.80 -2.55
N TRP B 147 16.75 -3.65 -2.89
CA TRP B 147 17.26 -3.57 -4.25
C TRP B 147 18.04 -4.86 -4.47
N ASP B 148 17.91 -5.46 -5.63
CA ASP B 148 18.59 -6.73 -5.93
C ASP B 148 18.89 -6.83 -7.42
N ASP B 149 19.87 -7.67 -7.74
CA ASP B 149 20.19 -7.98 -9.12
C ASP B 149 19.00 -8.57 -9.85
N THR B 150 18.04 -9.09 -9.11
CA THR B 150 16.96 -9.84 -9.70
C THR B 150 15.60 -9.22 -9.40
N GLY B 151 15.60 -8.05 -8.77
CA GLY B 151 14.34 -7.37 -8.55
C GLY B 151 14.28 -6.49 -7.32
N ALA B 152 13.09 -6.00 -7.05
CA ALA B 152 12.88 -5.07 -5.97
C ALA B 152 11.64 -5.48 -5.21
N MET B 153 11.67 -5.23 -3.90
CA MET B 153 10.63 -5.70 -3.01
C MET B 153 10.55 -4.82 -1.76
N LYS B 154 9.44 -4.95 -1.04
CA LYS B 154 9.10 -4.07 0.07
C LYS B 154 9.33 -4.72 1.44
N VAL B 155 10.05 -4.02 2.31
CA VAL B 155 10.19 -4.47 3.70
C VAL B 155 9.34 -3.59 4.60
N VAL B 156 8.57 -4.20 5.49
CA VAL B 156 7.86 -3.48 6.54
C VAL B 156 8.46 -3.82 7.89
N VAL B 157 8.76 -2.81 8.70
CA VAL B 157 9.34 -3.01 10.02
C VAL B 157 8.53 -2.30 11.08
N SER B 158 7.87 -3.10 11.91
CA SER B 158 7.01 -2.61 12.98
C SER B 158 7.43 -3.14 14.35
N GLY B 159 6.88 -2.53 15.39
CA GLY B 159 7.25 -2.88 16.75
C GLY B 159 8.65 -2.39 17.07
N GLN B 160 9.40 -3.22 17.80
CA GLN B 160 10.66 -2.80 18.40
C GLN B 160 11.85 -2.74 17.47
N LEU B 161 11.67 -3.14 16.21
CA LEU B 161 12.78 -3.19 15.28
C LEU B 161 13.00 -1.88 14.57
N THR B 162 12.01 -0.99 14.67
CA THR B 162 12.13 0.33 14.10
C THR B 162 13.31 1.02 14.79
N SER B 163 13.62 0.56 15.99
CA SER B 163 14.75 1.06 16.76
C SER B 163 16.10 0.63 16.19
N VAL B 164 16.07 -0.15 15.11
CA VAL B 164 17.29 -0.48 14.39
C VAL B 164 17.51 0.58 13.34
N ASN B 165 18.68 1.23 13.39
CA ASN B 165 18.93 2.37 12.53
C ASN B 165 19.50 1.99 11.16
N CYS B 166 18.73 2.28 10.12
CA CYS B 166 19.11 1.94 8.75
C CYS B 166 18.64 2.97 7.73
N GLU B 167 19.55 3.36 6.84
CA GLU B 167 19.22 4.38 5.86
C GLU B 167 19.66 4.01 4.43
N ILE B 168 19.13 4.72 3.43
CA ILE B 168 19.36 4.42 2.03
C ILE B 168 20.85 4.28 1.70
N GLY B 169 21.19 3.25 0.93
CA GLY B 169 22.57 2.99 0.57
C GLY B 169 23.15 1.80 1.32
N ASN B 170 22.74 1.65 2.58
CA ASN B 170 23.21 0.54 3.41
C ASN B 170 22.79 -0.84 2.93
N THR B 171 23.40 -1.84 3.53
CA THR B 171 23.01 -3.22 3.30
C THR B 171 22.57 -3.83 4.60
N ILE B 172 21.27 -4.05 4.75
CA ILE B 172 20.81 -4.72 5.95
C ILE B 172 20.85 -6.25 5.82
N ARG B 173 21.35 -6.89 6.87
CA ARG B 173 21.20 -8.32 7.03
C ARG B 173 19.89 -8.51 7.76
N LEU B 174 18.99 -9.29 7.18
CA LEU B 174 17.73 -9.61 7.82
C LEU B 174 17.71 -11.09 8.08
N VAL B 175 17.23 -11.50 9.25
CA VAL B 175 16.97 -12.92 9.48
C VAL B 175 15.56 -13.05 10.04
N CYS B 176 15.01 -14.27 9.97
CA CYS B 176 13.60 -14.56 10.29
C CYS B 176 12.63 -13.43 9.96
N PHE B 177 12.60 -13.03 8.70
CA PHE B 177 11.62 -12.05 8.25
C PHE B 177 10.55 -12.79 7.49
N GLU B 178 9.30 -12.41 7.67
CA GLU B 178 8.17 -13.11 7.07
C GLU B 178 7.77 -12.55 5.69
N LEU B 179 8.02 -13.32 4.63
CA LEU B 179 7.46 -12.99 3.33
C LEU B 179 5.94 -13.08 3.43
N THR B 180 5.26 -11.96 3.20
CA THR B 180 3.88 -11.78 3.64
C THR B 180 2.81 -11.63 2.54
N SER B 181 1.75 -12.43 2.67
CA SER B 181 0.61 -12.36 1.77
C SER B 181 -0.12 -11.01 1.72
N ASN B 182 -0.10 -10.35 0.57
CA ASN B 182 -1.02 -9.21 0.31
C ASN B 182 -1.58 -9.17 -1.12
N ALA B 183 -2.72 -8.52 -1.31
CA ALA B 183 -3.33 -8.39 -2.62
C ALA B 183 -2.45 -7.78 -3.70
N ASP B 184 -2.01 -6.53 -3.51
CA ASP B 184 -1.21 -5.86 -4.52
C ASP B 184 0.05 -6.68 -4.80
N GLU B 185 0.92 -6.73 -3.81
CA GLU B 185 2.18 -7.44 -3.93
C GLU B 185 2.54 -7.95 -2.54
N TRP B 186 3.36 -9.00 -2.49
CA TRP B 186 3.74 -9.57 -1.21
C TRP B 186 4.95 -8.81 -0.68
N PHE B 187 5.00 -8.60 0.63
CA PHE B 187 6.13 -7.89 1.25
C PHE B 187 6.84 -8.72 2.29
N LEU B 188 7.97 -8.20 2.75
CA LEU B 188 8.68 -8.73 3.89
C LEU B 188 8.30 -7.90 5.12
N ARG B 189 7.67 -8.53 6.12
CA ARG B 189 7.35 -7.79 7.34
C ARG B 189 8.24 -8.33 8.45
N ALA B 190 8.13 -7.78 9.65
CA ALA B 190 8.96 -8.21 10.76
C ALA B 190 8.14 -8.81 11.90
N THR B 191 8.09 -10.14 11.97
CA THR B 191 7.41 -10.83 13.06
C THR B 191 8.19 -10.73 14.38
N ARG B 192 7.57 -11.22 15.45
CA ARG B 192 8.11 -11.13 16.81
C ARG B 192 9.60 -11.40 16.94
N TYR B 193 10.04 -12.55 16.43
CA TYR B 193 11.39 -13.03 16.69
C TYR B 193 12.36 -12.68 15.59
N SER B 194 12.05 -11.61 14.85
CA SER B 194 12.89 -11.19 13.74
C SER B 194 14.18 -10.50 14.21
N TYR B 195 15.04 -10.19 13.25
CA TYR B 195 16.34 -9.60 13.55
C TYR B 195 16.94 -8.86 12.36
N MET B 196 17.33 -7.62 12.61
CA MET B 196 17.80 -6.71 11.59
C MET B 196 19.18 -6.19 11.95
N GLU B 197 20.00 -5.96 10.93
CA GLU B 197 21.35 -5.50 11.17
C GLU B 197 21.88 -4.78 9.96
N VAL B 198 22.88 -3.93 10.14
CA VAL B 198 23.50 -3.21 9.04
C VAL B 198 24.87 -3.79 8.71
N ILE B 199 25.30 -3.65 7.46
CA ILE B 199 26.56 -4.22 7.01
C ILE B 199 27.54 -3.15 6.51
N MET B 200 28.81 -3.30 6.92
CA MET B 200 29.91 -2.41 6.51
C MET B 200 29.81 -1.04 7.20
N LYS C 5 -9.72 -9.02 32.22
CA LYS C 5 -10.30 -10.03 31.35
C LYS C 5 -9.65 -9.91 29.98
N GLU C 6 -8.32 -9.98 30.00
CA GLU C 6 -7.47 -10.04 28.81
C GLU C 6 -6.05 -10.34 29.30
N SER C 7 -5.34 -11.29 28.68
CA SER C 7 -3.94 -11.60 29.06
C SER C 7 -3.02 -12.10 27.94
N PHE C 8 -1.76 -12.32 28.30
CA PHE C 8 -0.76 -12.94 27.45
C PHE C 8 0.11 -13.86 28.32
N GLU C 9 0.99 -14.68 27.74
CA GLU C 9 1.81 -15.62 28.51
C GLU C 9 3.24 -15.69 28.00
N GLY C 10 4.22 -15.68 28.92
CA GLY C 10 5.62 -15.71 28.56
C GLY C 10 5.99 -16.88 27.67
N ASP C 11 6.77 -16.61 26.64
CA ASP C 11 7.23 -17.69 25.77
C ASP C 11 8.28 -18.54 26.47
N GLY C 12 8.54 -19.72 25.92
CA GLY C 12 9.42 -20.68 26.56
C GLY C 12 8.60 -21.78 27.17
N TYR C 13 9.29 -22.72 27.82
CA TYR C 13 8.64 -23.88 28.42
C TYR C 13 7.87 -23.47 29.69
N HIS C 14 6.81 -24.21 30.01
CA HIS C 14 6.00 -23.93 31.19
C HIS C 14 5.54 -25.19 31.92
N LYS C 15 6.39 -25.73 32.80
CA LYS C 15 6.04 -26.92 33.59
C LYS C 15 5.14 -26.51 34.73
N GLY C 16 4.73 -27.49 35.52
CA GLY C 16 3.88 -27.22 36.66
C GLY C 16 2.45 -26.97 36.25
N PRO C 17 1.51 -27.37 37.11
CA PRO C 17 0.08 -27.14 36.84
C PRO C 17 -0.30 -25.67 36.89
N LYS C 18 -1.02 -25.22 35.86
CA LYS C 18 -1.58 -23.89 35.85
C LYS C 18 -3.08 -24.03 35.68
N GLN C 19 -3.82 -23.85 36.77
CA GLN C 19 -5.23 -24.16 36.77
C GLN C 19 -6.10 -23.09 36.14
N VAL C 20 -6.82 -23.46 35.09
CA VAL C 20 -7.68 -22.53 34.38
C VAL C 20 -9.07 -23.12 34.17
N VAL C 21 -10.00 -22.28 33.71
CA VAL C 21 -11.35 -22.74 33.41
C VAL C 21 -11.63 -22.45 31.94
N ALA C 22 -11.92 -23.48 31.17
CA ALA C 22 -12.16 -23.33 29.74
C ALA C 22 -13.40 -22.49 29.47
N LEU C 23 -13.27 -21.51 28.59
CA LEU C 23 -14.38 -20.60 28.29
C LEU C 23 -15.08 -21.05 27.02
N LYS C 24 -14.33 -21.07 25.92
CA LYS C 24 -14.88 -21.52 24.64
C LYS C 24 -13.82 -22.24 23.84
N ALA C 25 -14.27 -23.14 22.96
CA ALA C 25 -13.37 -23.86 22.08
C ALA C 25 -14.04 -24.11 20.74
N THR C 26 -13.22 -24.28 19.71
CA THR C 26 -13.68 -24.46 18.35
C THR C 26 -13.72 -25.95 18.00
N LYS C 27 -14.33 -26.30 16.88
CA LYS C 27 -14.38 -27.70 16.45
C LYS C 27 -12.96 -28.13 16.14
N LEU C 28 -12.73 -29.43 16.10
CA LEU C 28 -11.44 -29.90 15.67
C LEU C 28 -11.45 -29.59 14.19
N PHE C 29 -10.36 -29.08 13.65
CA PHE C 29 -10.31 -28.79 12.22
C PHE C 29 -8.94 -29.14 11.69
N THR C 30 -8.84 -29.26 10.37
CA THR C 30 -7.60 -29.69 9.75
C THR C 30 -6.84 -28.52 9.12
N TYR C 31 -5.71 -28.17 9.70
CA TYR C 31 -4.99 -27.00 9.29
C TYR C 31 -4.03 -27.22 8.13
N ASP C 32 -3.68 -28.49 7.91
CA ASP C 32 -2.79 -28.85 6.81
C ASP C 32 -3.30 -30.11 6.15
N SER C 33 -4.23 -29.94 5.23
CA SER C 33 -4.92 -31.05 4.60
C SER C 33 -3.96 -31.97 3.86
N ILE C 34 -2.87 -31.41 3.34
CA ILE C 34 -1.87 -32.21 2.65
C ILE C 34 -1.26 -33.23 3.61
N LYS C 35 -0.72 -32.73 4.72
CA LYS C 35 -0.09 -33.59 5.71
C LYS C 35 -1.14 -34.12 6.68
N SER C 36 -2.40 -33.79 6.42
CA SER C 36 -3.54 -34.21 7.23
C SER C 36 -3.26 -34.03 8.71
N LYS C 37 -2.88 -32.80 9.06
CA LYS C 37 -2.58 -32.40 10.43
C LYS C 37 -3.81 -31.73 11.02
N LYS C 38 -4.12 -32.02 12.27
CA LYS C 38 -5.32 -31.51 12.90
C LYS C 38 -5.03 -30.79 14.22
N MET C 39 -5.92 -29.89 14.62
CA MET C 39 -5.75 -29.10 15.83
C MET C 39 -7.08 -28.47 16.23
N PHE C 40 -7.07 -27.67 17.29
CA PHE C 40 -8.22 -26.85 17.62
C PHE C 40 -7.90 -25.69 18.55
N HIS C 41 -8.78 -24.70 18.53
CA HIS C 41 -8.57 -23.45 19.24
C HIS C 41 -9.49 -23.35 20.45
N ALA C 42 -8.96 -22.92 21.58
CA ALA C 42 -9.76 -22.80 22.80
C ALA C 42 -9.34 -21.61 23.68
N THR C 43 -10.32 -21.01 24.35
CA THR C 43 -10.02 -19.91 25.26
C THR C 43 -10.32 -20.29 26.72
N VAL C 44 -9.30 -20.17 27.57
CA VAL C 44 -9.43 -20.50 28.98
C VAL C 44 -9.17 -19.24 29.81
N ALA C 45 -9.44 -19.31 31.11
CA ALA C 45 -9.32 -18.15 31.99
C ALA C 45 -8.99 -18.53 33.44
N THR C 46 -8.48 -17.58 34.20
CA THR C 46 -8.24 -17.75 35.64
C THR C 46 -9.21 -16.87 36.37
N ASP C 47 -10.22 -16.40 35.64
CA ASP C 47 -11.32 -15.61 36.19
C ASP C 47 -10.93 -14.23 36.73
N THR C 48 -9.71 -13.79 36.44
CA THR C 48 -9.34 -12.37 36.52
C THR C 48 -8.93 -11.93 35.12
N GLU C 49 -8.56 -12.93 34.31
CA GLU C 49 -8.13 -12.72 32.94
C GLU C 49 -8.24 -14.05 32.16
N PHE C 50 -8.24 -13.96 30.83
CA PHE C 50 -8.29 -15.18 30.01
C PHE C 50 -7.02 -15.40 29.16
N PHE C 51 -6.87 -16.61 28.64
CA PHE C 51 -5.72 -16.99 27.82
C PHE C 51 -6.16 -17.56 26.48
N ARG C 52 -5.23 -17.61 25.53
CA ARG C 52 -5.51 -18.27 24.25
C ARG C 52 -4.60 -19.47 24.02
N VAL C 53 -5.20 -20.62 23.77
CA VAL C 53 -4.47 -21.84 23.52
C VAL C 53 -4.67 -22.38 22.09
N MET C 54 -3.71 -23.17 21.63
CA MET C 54 -3.79 -23.86 20.34
C MET C 54 -3.51 -25.35 20.58
N VAL C 55 -4.53 -26.19 20.48
CA VAL C 55 -4.34 -27.60 20.83
C VAL C 55 -4.07 -28.54 19.65
N PHE C 56 -2.91 -29.19 19.72
CA PHE C 56 -2.46 -30.08 18.67
C PHE C 56 -2.80 -31.56 18.89
N GLU C 57 -3.23 -31.92 20.10
CA GLU C 57 -3.68 -33.29 20.31
C GLU C 57 -5.17 -33.43 20.01
N GLU C 58 -5.49 -34.27 19.04
CA GLU C 58 -6.85 -34.47 18.57
C GLU C 58 -7.79 -34.95 19.67
N ASN C 59 -7.45 -36.07 20.31
CA ASN C 59 -8.25 -36.64 21.37
C ASN C 59 -8.01 -35.96 22.71
N LEU C 60 -8.17 -34.64 22.73
CA LEU C 60 -8.01 -33.84 23.94
C LEU C 60 -9.12 -32.80 24.01
N GLU C 61 -9.86 -32.67 22.92
CA GLU C 61 -11.03 -31.82 22.85
C GLU C 61 -12.17 -32.35 23.72
N LYS C 62 -12.03 -33.60 24.14
CA LYS C 62 -12.96 -34.18 25.11
C LYS C 62 -12.99 -33.25 26.31
N LYS C 63 -11.81 -32.87 26.77
CA LYS C 63 -11.63 -32.22 28.06
C LYS C 63 -11.88 -30.72 28.10
N PHE C 64 -11.72 -30.04 26.96
CA PHE C 64 -11.85 -28.58 26.90
C PHE C 64 -13.28 -28.08 26.78
N ILE C 65 -14.22 -28.83 27.36
CA ILE C 65 -15.64 -28.47 27.28
C ILE C 65 -15.91 -27.19 28.05
N PRO C 66 -16.63 -26.24 27.42
CA PRO C 66 -17.00 -24.98 28.07
C PRO C 66 -17.63 -25.22 29.43
N GLY C 67 -16.91 -24.86 30.48
CA GLY C 67 -17.35 -25.08 31.84
C GLY C 67 -16.32 -25.83 32.67
N ASN C 68 -15.69 -26.85 32.05
CA ASN C 68 -14.73 -27.70 32.73
C ASN C 68 -13.48 -26.98 33.23
N THR C 69 -13.31 -26.94 34.54
CA THR C 69 -12.10 -26.39 35.14
C THR C 69 -10.95 -27.39 35.04
N ILE C 70 -9.89 -27.01 34.32
CA ILE C 70 -8.78 -27.91 34.05
C ILE C 70 -7.47 -27.28 34.49
N ALA C 71 -6.44 -28.10 34.60
CA ALA C 71 -5.14 -27.57 34.97
C ALA C 71 -4.13 -27.99 33.92
N LEU C 72 -3.41 -27.01 33.39
CA LEU C 72 -2.48 -27.26 32.30
C LEU C 72 -1.12 -27.58 32.88
N SER C 73 -0.37 -28.44 32.21
CA SER C 73 0.97 -28.78 32.66
C SER C 73 1.84 -29.01 31.43
N ASP C 74 3.14 -28.73 31.56
CA ASP C 74 4.10 -29.00 30.48
C ASP C 74 3.72 -28.34 29.16
N TYR C 75 3.08 -27.18 29.23
CA TYR C 75 2.67 -26.47 28.02
C TYR C 75 3.79 -25.58 27.51
N PHE C 76 3.54 -24.92 26.39
CA PHE C 76 4.58 -24.13 25.75
C PHE C 76 4.05 -22.78 25.30
N GLY C 77 4.81 -21.72 25.58
CA GLY C 77 4.44 -20.42 25.11
C GLY C 77 5.16 -20.09 23.82
N MET C 78 4.45 -19.44 22.90
CA MET C 78 5.06 -18.93 21.68
C MET C 78 4.10 -17.97 21.00
N TYR C 79 4.66 -17.07 20.19
CA TYR C 79 3.90 -16.16 19.33
C TYR C 79 2.66 -15.55 19.98
N GLY C 80 2.67 -15.42 21.31
CA GLY C 80 1.61 -14.78 22.04
C GLY C 80 0.43 -15.69 22.27
N SER C 81 0.70 -16.99 22.36
CA SER C 81 -0.34 -17.99 22.67
C SER C 81 0.20 -19.29 23.28
N LEU C 82 -0.69 -20.04 23.93
CA LEU C 82 -0.33 -21.29 24.61
C LEU C 82 -0.35 -22.51 23.69
N ALA C 83 0.72 -23.29 23.73
CA ALA C 83 0.78 -24.47 22.90
C ALA C 83 0.70 -25.73 23.75
N ILE C 84 -0.45 -26.38 23.69
CA ILE C 84 -0.60 -27.69 24.31
C ILE C 84 -0.51 -28.73 23.21
N HIS C 85 0.47 -29.61 23.32
CA HIS C 85 0.82 -30.51 22.23
C HIS C 85 0.40 -31.96 22.47
N GLU C 86 0.80 -32.53 23.60
CA GLU C 86 0.47 -33.94 23.86
C GLU C 86 -0.55 -34.15 24.99
N TYR C 87 -1.14 -35.34 25.02
CA TYR C 87 -2.22 -35.69 25.95
C TYR C 87 -1.87 -35.55 27.44
N SER C 88 -0.66 -35.98 27.83
CA SER C 88 -0.23 -35.95 29.23
C SER C 88 0.02 -34.53 29.78
N SER C 89 -0.43 -33.54 29.04
CA SER C 89 -0.15 -32.19 29.47
C SER C 89 -1.39 -31.57 30.07
N VAL C 90 -2.52 -32.26 30.00
CA VAL C 90 -3.73 -31.74 30.60
C VAL C 90 -4.30 -32.65 31.66
N SER C 91 -4.53 -32.08 32.82
CA SER C 91 -5.15 -32.76 33.93
C SER C 91 -6.63 -32.50 33.84
N GLU C 92 -7.35 -32.78 34.92
CA GLU C 92 -8.74 -32.39 35.05
C GLU C 92 -9.00 -31.98 36.48
N VAL C 93 -10.06 -31.21 36.72
CA VAL C 93 -10.36 -30.84 38.11
C VAL C 93 -11.82 -30.90 38.53
N LYS C 94 -12.05 -31.47 39.70
CA LYS C 94 -13.35 -31.59 40.34
C LYS C 94 -14.50 -31.70 39.36
N ILE C 109 -14.89 -13.00 26.66
CA ILE C 109 -15.87 -12.01 27.10
C ILE C 109 -15.55 -10.64 26.51
N GLU C 110 -14.29 -10.23 26.63
CA GLU C 110 -13.87 -8.95 26.08
C GLU C 110 -13.38 -9.06 24.63
N HIS C 111 -14.29 -8.86 23.70
CA HIS C 111 -13.96 -8.94 22.28
C HIS C 111 -13.49 -7.58 21.75
N LEU C 112 -12.94 -7.57 20.55
CA LEU C 112 -12.45 -6.33 19.95
C LEU C 112 -13.30 -5.89 18.74
N LYS C 113 -13.68 -4.62 18.72
CA LYS C 113 -14.34 -4.04 17.56
C LYS C 113 -13.29 -3.58 16.58
N ILE C 114 -13.71 -3.21 15.37
CA ILE C 114 -12.76 -2.95 14.28
C ILE C 114 -11.86 -1.74 14.49
N CYS C 115 -12.44 -0.55 14.66
CA CYS C 115 -11.67 0.69 14.78
C CYS C 115 -10.54 0.54 15.77
N ASP C 116 -10.82 -0.20 16.84
CA ASP C 116 -9.82 -0.58 17.82
C ASP C 116 -8.57 -1.14 17.16
N LEU C 117 -8.77 -1.99 16.15
CA LEU C 117 -7.65 -2.65 15.45
C LEU C 117 -6.84 -1.71 14.57
N HIS C 118 -7.42 -0.57 14.26
CA HIS C 118 -6.76 0.45 13.47
C HIS C 118 -5.98 1.33 14.40
N LEU C 119 -6.38 1.30 15.68
CA LEU C 119 -5.77 2.13 16.72
C LEU C 119 -4.57 1.47 17.40
N GLN C 120 -4.42 0.16 17.20
CA GLN C 120 -3.29 -0.57 17.76
C GLN C 120 -1.96 -0.03 17.27
N THR C 121 -0.89 -0.31 18.01
CA THR C 121 0.40 0.27 17.69
C THR C 121 1.33 -0.89 17.40
N GLU C 122 0.83 -2.10 17.63
CA GLU C 122 1.64 -3.30 17.66
C GLU C 122 0.83 -4.52 17.33
N GLU C 123 1.27 -5.16 16.25
CA GLU C 123 0.62 -6.32 15.67
C GLU C 123 0.13 -7.42 16.64
N ARG C 124 -1.18 -7.64 16.65
CA ARG C 124 -1.82 -8.66 17.47
C ARG C 124 -2.12 -9.97 16.72
N LEU C 125 -2.76 -10.90 17.42
CA LEU C 125 -3.54 -11.95 16.78
C LEU C 125 -4.98 -11.71 17.20
N VAL C 126 -5.92 -12.08 16.35
CA VAL C 126 -7.28 -11.61 16.46
C VAL C 126 -8.32 -12.70 16.23
N ASP C 127 -9.36 -12.71 17.07
CA ASP C 127 -10.56 -13.49 16.82
C ASP C 127 -11.69 -12.50 16.65
N GLY C 128 -12.88 -13.00 16.36
CA GLY C 128 -14.02 -12.12 16.15
C GLY C 128 -14.91 -12.57 15.01
N GLU C 129 -16.12 -12.04 14.99
CA GLU C 129 -17.09 -12.39 13.97
C GLU C 129 -17.57 -11.13 13.33
N PHE C 130 -17.37 -11.04 12.02
CA PHE C 130 -17.68 -9.83 11.30
C PHE C 130 -18.43 -10.20 10.05
N LYS C 131 -19.32 -9.31 9.60
CA LYS C 131 -20.01 -9.47 8.33
C LYS C 131 -19.04 -9.19 7.20
N VAL C 132 -19.28 -9.79 6.04
CA VAL C 132 -18.46 -9.56 4.85
C VAL C 132 -19.17 -8.60 3.91
N TYR C 133 -18.46 -7.60 3.43
CA TYR C 133 -19.11 -6.59 2.59
C TYR C 133 -18.62 -6.64 1.15
N ARG C 134 -17.42 -7.19 0.95
CA ARG C 134 -16.89 -7.36 -0.40
C ARG C 134 -16.00 -8.61 -0.49
N LYS C 135 -15.85 -9.13 -1.70
CA LYS C 135 -14.92 -10.21 -1.97
C LYS C 135 -14.22 -9.87 -3.26
N SER C 136 -12.94 -10.21 -3.36
CA SER C 136 -12.18 -10.08 -4.59
C SER C 136 -10.93 -10.92 -4.45
N SER C 137 -10.34 -11.36 -5.56
CA SER C 137 -9.13 -12.14 -5.45
C SER C 137 -7.92 -11.28 -5.72
N GLY C 138 -6.87 -11.47 -4.93
CA GLY C 138 -5.64 -10.73 -5.10
C GLY C 138 -4.55 -11.66 -5.52
N ASN C 139 -3.30 -11.19 -5.48
CA ASN C 139 -2.14 -12.03 -5.79
C ASN C 139 -2.04 -13.24 -4.85
N ASN C 140 -2.37 -14.41 -5.39
CA ASN C 140 -2.26 -15.68 -4.67
C ASN C 140 -3.18 -15.82 -3.48
N CYS C 141 -4.16 -14.94 -3.38
CA CYS C 141 -4.97 -14.93 -2.19
C CYS C 141 -6.38 -14.50 -2.48
N ILE C 142 -7.21 -14.52 -1.45
CA ILE C 142 -8.56 -13.99 -1.54
C ILE C 142 -8.63 -12.85 -0.55
N CYS C 143 -9.16 -11.71 -0.97
CA CYS C 143 -9.32 -10.56 -0.10
C CYS C 143 -10.77 -10.32 0.21
N TYR C 144 -11.10 -10.41 1.49
CA TYR C 144 -12.44 -10.08 1.96
C TYR C 144 -12.42 -8.72 2.64
N GLY C 145 -13.52 -8.00 2.55
CA GLY C 145 -13.68 -6.81 3.34
C GLY C 145 -14.72 -7.09 4.40
N ILE C 146 -14.43 -6.71 5.64
CA ILE C 146 -15.42 -6.84 6.70
C ILE C 146 -15.97 -5.50 7.20
N TRP C 147 -17.29 -5.50 7.33
CA TRP C 147 -18.11 -4.36 7.67
C TRP C 147 -18.32 -4.34 9.17
N ASP C 148 -18.37 -3.16 9.78
CA ASP C 148 -18.54 -3.05 11.21
C ASP C 148 -19.18 -1.73 11.57
N ASP C 149 -19.86 -1.72 12.73
CA ASP C 149 -20.37 -0.47 13.29
C ASP C 149 -19.25 0.52 13.29
N THR C 150 -18.09 0.06 13.74
CA THR C 150 -16.98 0.95 14.02
C THR C 150 -15.94 0.93 12.87
N GLY C 151 -16.41 0.65 11.67
CA GLY C 151 -15.56 0.77 10.50
C GLY C 151 -15.46 -0.44 9.59
N ALA C 152 -14.41 -0.47 8.77
CA ALA C 152 -14.23 -1.56 7.83
C ALA C 152 -12.76 -1.85 7.63
N MET C 153 -12.46 -3.13 7.43
CA MET C 153 -11.09 -3.61 7.44
C MET C 153 -10.90 -4.77 6.48
N LYS C 154 -9.66 -4.94 6.04
CA LYS C 154 -9.33 -5.89 4.99
C LYS C 154 -8.96 -7.26 5.57
N VAL C 155 -9.38 -8.34 4.90
CA VAL C 155 -8.93 -9.68 5.26
C VAL C 155 -8.24 -10.39 4.08
N VAL C 156 -6.94 -10.62 4.21
CA VAL C 156 -6.19 -11.38 3.23
C VAL C 156 -6.08 -12.82 3.70
N VAL C 157 -6.47 -13.74 2.84
CA VAL C 157 -6.29 -15.15 3.15
C VAL C 157 -5.56 -15.85 2.02
N SER C 158 -4.33 -16.25 2.30
CA SER C 158 -3.55 -17.02 1.36
C SER C 158 -3.42 -18.41 1.92
N GLY C 159 -2.90 -19.33 1.10
CA GLY C 159 -2.70 -20.71 1.52
C GLY C 159 -3.94 -21.57 1.51
N GLN C 160 -3.97 -22.54 2.42
CA GLN C 160 -5.01 -23.55 2.43
C GLN C 160 -6.39 -23.04 2.86
N LEU C 161 -6.43 -21.92 3.57
CA LEU C 161 -7.72 -21.44 4.07
C LEU C 161 -8.58 -20.89 2.93
N THR C 162 -7.98 -20.73 1.77
CA THR C 162 -8.71 -20.34 0.56
C THR C 162 -9.76 -21.40 0.22
N SER C 163 -9.54 -22.61 0.71
CA SER C 163 -10.48 -23.71 0.58
C SER C 163 -11.82 -23.41 1.22
N VAL C 164 -11.86 -22.40 2.08
CA VAL C 164 -13.12 -22.08 2.76
C VAL C 164 -13.92 -21.16 1.87
N ASN C 165 -15.03 -21.67 1.37
CA ASN C 165 -15.85 -20.83 0.50
C ASN C 165 -16.64 -19.83 1.32
N CYS C 166 -16.51 -18.57 0.93
CA CYS C 166 -17.17 -17.47 1.61
C CYS C 166 -17.61 -16.43 0.59
N GLU C 167 -18.88 -16.06 0.64
CA GLU C 167 -19.43 -15.06 -0.28
C GLU C 167 -19.99 -13.82 0.45
N ILE C 168 -20.20 -12.74 -0.28
CA ILE C 168 -20.60 -11.45 0.29
C ILE C 168 -21.92 -11.50 1.04
N GLY C 169 -21.94 -10.96 2.25
CA GLY C 169 -23.16 -10.91 3.03
C GLY C 169 -23.14 -11.85 4.21
N ASN C 170 -22.23 -12.83 4.16
CA ASN C 170 -22.08 -13.80 5.24
C ASN C 170 -21.39 -13.19 6.45
N THR C 171 -21.43 -13.93 7.55
CA THR C 171 -20.68 -13.55 8.72
C THR C 171 -19.66 -14.63 8.99
N ILE C 172 -18.40 -14.37 8.65
CA ILE C 172 -17.36 -15.35 8.95
C ILE C 172 -16.85 -15.21 10.37
N ARG C 173 -16.62 -16.37 11.00
CA ARG C 173 -15.95 -16.42 12.28
C ARG C 173 -14.46 -16.57 11.97
N LEU C 174 -13.64 -15.71 12.54
CA LEU C 174 -12.21 -15.80 12.32
C LEU C 174 -11.56 -16.00 13.67
N VAL C 175 -10.75 -17.04 13.83
CA VAL C 175 -9.96 -17.16 15.04
C VAL C 175 -8.48 -17.34 14.67
N CYS C 176 -7.60 -16.97 15.60
CA CYS C 176 -6.15 -16.90 15.39
C CYS C 176 -5.73 -16.33 14.03
N PHE C 177 -6.28 -15.16 13.70
CA PHE C 177 -5.86 -14.38 12.54
C PHE C 177 -4.86 -13.34 13.02
N GLU C 178 -4.01 -12.84 12.14
CA GLU C 178 -2.98 -11.89 12.57
C GLU C 178 -3.23 -10.46 12.12
N LEU C 179 -3.32 -9.54 13.09
CA LEU C 179 -3.29 -8.13 12.74
C LEU C 179 -1.91 -7.81 12.16
N THR C 180 -1.88 -7.36 10.91
CA THR C 180 -0.62 -7.25 10.17
C THR C 180 -0.24 -5.83 9.77
N SER C 181 1.03 -5.50 10.05
CA SER C 181 1.56 -4.17 9.81
C SER C 181 1.81 -3.88 8.34
N ASN C 182 1.16 -2.83 7.85
CA ASN C 182 1.30 -2.40 6.46
C ASN C 182 1.46 -0.89 6.35
N ALA C 183 2.10 -0.42 5.29
CA ALA C 183 2.41 0.99 5.10
C ALA C 183 1.20 1.93 5.01
N ASP C 184 0.06 1.43 4.58
CA ASP C 184 -1.06 2.33 4.48
C ASP C 184 -2.14 2.01 5.49
N GLU C 185 -2.59 0.78 5.48
CA GLU C 185 -3.68 0.40 6.36
C GLU C 185 -3.38 -1.00 6.85
N TRP C 186 -3.68 -1.24 8.12
CA TRP C 186 -3.41 -2.55 8.69
C TRP C 186 -4.55 -3.52 8.35
N PHE C 187 -4.19 -4.79 8.17
CA PHE C 187 -5.14 -5.84 7.80
C PHE C 187 -4.93 -7.09 8.63
N LEU C 188 -5.99 -7.88 8.71
CA LEU C 188 -5.98 -9.22 9.30
C LEU C 188 -5.67 -10.26 8.23
N ARG C 189 -4.66 -11.09 8.46
CA ARG C 189 -4.36 -12.15 7.52
C ARG C 189 -4.27 -13.51 8.21
N ALA C 190 -4.29 -14.57 7.41
CA ALA C 190 -4.28 -15.92 7.96
C ALA C 190 -2.86 -16.50 8.03
N THR C 191 -2.52 -17.10 9.17
CA THR C 191 -1.26 -17.85 9.31
C THR C 191 -1.53 -19.34 9.37
N ARG C 192 -0.48 -20.12 9.62
CA ARG C 192 -0.58 -21.57 9.51
C ARG C 192 -1.72 -22.13 10.32
N TYR C 193 -1.96 -21.56 11.49
CA TYR C 193 -2.91 -22.16 12.42
C TYR C 193 -4.19 -21.33 12.49
N SER C 194 -4.43 -20.51 11.48
CA SER C 194 -5.63 -19.68 11.46
C SER C 194 -6.83 -20.56 11.23
N TYR C 195 -8.03 -20.01 11.40
CA TYR C 195 -9.25 -20.76 11.25
C TYR C 195 -10.43 -19.90 10.83
N MET C 196 -11.12 -20.35 9.78
CA MET C 196 -12.22 -19.59 9.16
C MET C 196 -13.49 -20.40 9.25
N GLU C 197 -14.63 -19.71 9.28
CA GLU C 197 -15.91 -20.39 9.33
C GLU C 197 -17.08 -19.47 9.10
N VAL C 198 -18.03 -19.94 8.29
CA VAL C 198 -19.24 -19.21 7.98
C VAL C 198 -20.29 -19.44 9.06
N ILE C 199 -21.09 -18.40 9.36
CA ILE C 199 -22.06 -18.47 10.45
C ILE C 199 -23.51 -18.45 9.97
N MET C 200 -24.35 -19.21 10.67
CA MET C 200 -25.79 -19.38 10.40
C MET C 200 -26.06 -20.34 9.24
N LYS D 5 17.72 23.91 -16.42
CA LYS D 5 16.92 24.29 -15.26
C LYS D 5 15.44 24.45 -15.63
N GLU D 6 14.54 23.84 -14.85
CA GLU D 6 13.09 23.90 -15.16
C GLU D 6 12.35 24.99 -14.38
N SER D 7 11.16 25.35 -14.87
CA SER D 7 10.31 26.35 -14.23
C SER D 7 8.84 26.11 -14.48
N PHE D 8 8.02 26.42 -13.49
CA PHE D 8 6.58 26.36 -13.66
C PHE D 8 6.12 27.76 -14.06
N GLU D 9 5.64 27.90 -15.29
CA GLU D 9 5.02 29.17 -15.67
C GLU D 9 3.82 29.31 -14.78
N GLY D 10 3.63 30.50 -14.20
CA GLY D 10 2.53 30.75 -13.30
C GLY D 10 1.23 30.34 -13.92
N ASP D 11 0.39 29.65 -13.16
CA ASP D 11 -0.86 29.13 -13.70
C ASP D 11 -1.83 30.25 -14.06
N GLY D 12 -2.78 29.94 -14.93
CA GLY D 12 -3.66 30.95 -15.48
C GLY D 12 -3.17 31.41 -16.84
N TYR D 13 -3.85 32.39 -17.41
CA TYR D 13 -3.58 32.86 -18.77
C TYR D 13 -2.26 33.62 -18.88
N HIS D 14 -1.58 33.45 -20.02
CA HIS D 14 -0.34 34.17 -20.28
C HIS D 14 -0.36 34.83 -21.66
N LYS D 15 -0.84 36.07 -21.71
CA LYS D 15 -0.80 36.84 -22.94
C LYS D 15 0.63 37.30 -23.17
N GLY D 16 0.87 37.99 -24.27
CA GLY D 16 2.17 38.58 -24.50
C GLY D 16 3.25 37.60 -24.88
N PRO D 17 4.14 38.01 -25.80
CA PRO D 17 5.15 37.12 -26.37
C PRO D 17 6.23 36.70 -25.38
N LYS D 18 6.51 35.40 -25.36
CA LYS D 18 7.69 34.88 -24.67
C LYS D 18 8.44 34.00 -25.66
N GLN D 19 9.64 34.41 -26.03
CA GLN D 19 10.39 33.77 -27.10
C GLN D 19 11.33 32.69 -26.60
N VAL D 20 11.15 31.47 -27.10
CA VAL D 20 11.86 30.31 -26.58
C VAL D 20 12.34 29.37 -27.69
N VAL D 21 13.54 28.84 -27.54
CA VAL D 21 14.10 27.90 -28.51
C VAL D 21 13.51 26.52 -28.30
N ALA D 22 12.84 25.99 -29.31
CA ALA D 22 12.25 24.65 -29.25
C ALA D 22 13.33 23.58 -29.15
N LEU D 23 13.28 22.81 -28.08
CA LEU D 23 14.29 21.77 -27.81
C LEU D 23 13.94 20.44 -28.45
N LYS D 24 12.93 19.76 -27.91
CA LYS D 24 12.51 18.48 -28.47
C LYS D 24 10.99 18.33 -28.41
N ALA D 25 10.45 17.60 -29.38
CA ALA D 25 9.02 17.35 -29.43
C ALA D 25 8.77 15.87 -29.65
N THR D 26 7.57 15.44 -29.25
CA THR D 26 7.20 14.05 -29.38
C THR D 26 6.35 13.93 -30.63
N LYS D 27 6.23 12.71 -31.15
CA LYS D 27 5.35 12.49 -32.27
C LYS D 27 3.92 12.87 -31.86
N LEU D 28 3.17 13.40 -32.81
CA LEU D 28 1.76 13.68 -32.58
C LEU D 28 1.05 12.38 -32.30
N PHE D 29 0.31 12.31 -31.21
CA PHE D 29 -0.48 11.12 -30.93
C PHE D 29 -1.90 11.53 -30.62
N THR D 30 -2.80 10.56 -30.48
CA THR D 30 -4.19 10.84 -30.16
C THR D 30 -4.46 10.50 -28.70
N TYR D 31 -4.94 11.47 -27.94
CA TYR D 31 -5.14 11.26 -26.52
C TYR D 31 -6.58 10.85 -26.19
N ASP D 32 -7.49 11.09 -27.12
CA ASP D 32 -8.90 10.79 -26.92
C ASP D 32 -9.54 10.21 -28.19
N SER D 33 -9.73 8.90 -28.21
CA SER D 33 -10.28 8.22 -29.38
C SER D 33 -11.78 8.49 -29.56
N ILE D 34 -12.44 8.84 -28.45
CA ILE D 34 -13.89 9.09 -28.45
C ILE D 34 -14.28 10.24 -29.35
N LYS D 35 -13.55 11.34 -29.25
CA LYS D 35 -13.80 12.51 -30.07
C LYS D 35 -12.68 12.68 -31.10
N SER D 36 -11.76 11.72 -31.12
CA SER D 36 -10.64 11.70 -32.07
C SER D 36 -9.75 12.95 -32.00
N LYS D 37 -9.58 13.48 -30.78
CA LYS D 37 -8.72 14.63 -30.55
C LYS D 37 -7.25 14.23 -30.50
N LYS D 38 -6.39 15.00 -31.13
CA LYS D 38 -4.97 14.66 -31.21
C LYS D 38 -4.08 15.76 -30.60
N MET D 39 -2.88 15.37 -30.21
CA MET D 39 -1.95 16.30 -29.56
C MET D 39 -0.51 15.81 -29.62
N PHE D 40 0.40 16.63 -29.10
CA PHE D 40 1.78 16.20 -28.90
C PHE D 40 2.46 17.01 -27.80
N HIS D 41 3.59 16.50 -27.32
CA HIS D 41 4.33 17.15 -26.25
C HIS D 41 5.60 17.72 -26.81
N ALA D 42 6.12 18.74 -26.15
CA ALA D 42 7.38 19.32 -26.58
C ALA D 42 8.04 20.10 -25.46
N THR D 43 9.36 20.23 -25.56
CA THR D 43 10.13 20.97 -24.58
C THR D 43 10.77 22.19 -25.21
N VAL D 44 10.69 23.31 -24.51
CA VAL D 44 11.21 24.55 -25.00
C VAL D 44 12.13 25.12 -23.94
N ALA D 45 13.06 25.98 -24.33
CA ALA D 45 14.01 26.56 -23.40
C ALA D 45 14.19 28.06 -23.52
N THR D 46 14.32 28.76 -22.39
CA THR D 46 14.87 30.10 -22.37
C THR D 46 16.36 29.90 -22.24
N ASP D 47 17.11 30.98 -22.15
CA ASP D 47 18.56 30.85 -21.93
C ASP D 47 18.91 30.20 -20.58
N THR D 48 18.22 30.58 -19.51
CA THR D 48 18.48 30.00 -18.21
C THR D 48 17.69 28.71 -18.03
N GLU D 49 16.38 28.79 -18.25
CA GLU D 49 15.48 27.70 -17.88
C GLU D 49 14.69 27.06 -19.03
N PHE D 50 14.42 25.76 -18.92
CA PHE D 50 13.62 25.05 -19.92
C PHE D 50 12.25 24.61 -19.41
N PHE D 51 11.24 24.72 -20.27
CA PHE D 51 9.84 24.46 -19.90
C PHE D 51 9.30 23.24 -20.65
N ARG D 52 8.09 22.82 -20.32
CA ARG D 52 7.42 21.76 -21.06
C ARG D 52 6.08 22.24 -21.60
N VAL D 53 5.74 21.83 -22.82
CA VAL D 53 4.48 22.25 -23.41
C VAL D 53 3.61 21.09 -23.90
N MET D 54 2.31 21.22 -23.64
CA MET D 54 1.34 20.30 -24.20
C MET D 54 0.64 20.99 -25.36
N VAL D 55 0.92 20.54 -26.58
CA VAL D 55 0.32 21.17 -27.77
C VAL D 55 -0.91 20.41 -28.23
N PHE D 56 -2.07 21.06 -28.18
CA PHE D 56 -3.32 20.40 -28.56
C PHE D 56 -3.69 20.60 -30.02
N GLU D 57 -2.93 21.36 -30.79
CA GLU D 57 -3.27 21.45 -32.20
C GLU D 57 -2.25 20.78 -33.10
N GLU D 58 -2.75 19.89 -33.94
CA GLU D 58 -1.86 19.07 -34.74
C GLU D 58 -1.02 19.88 -35.69
N ASN D 59 -1.64 20.86 -36.32
CA ASN D 59 -0.92 21.62 -37.32
C ASN D 59 0.23 22.36 -36.70
N LEU D 60 0.02 22.93 -35.54
CA LEU D 60 1.02 23.81 -34.97
C LEU D 60 2.25 22.98 -34.78
N GLU D 61 2.02 21.75 -34.38
CA GLU D 61 3.11 20.80 -34.14
C GLU D 61 4.22 20.85 -35.15
N LYS D 62 3.93 21.00 -36.44
CA LYS D 62 5.10 20.94 -37.41
C LYS D 62 6.28 21.96 -37.14
N LYS D 63 5.86 23.15 -36.72
CA LYS D 63 6.47 24.38 -36.21
C LYS D 63 7.34 24.17 -34.95
N PHE D 64 7.16 23.01 -34.31
CA PHE D 64 7.94 22.68 -33.11
C PHE D 64 9.13 21.78 -33.39
N ILE D 65 9.68 21.89 -34.60
CA ILE D 65 10.90 21.18 -34.97
C ILE D 65 12.09 21.67 -34.13
N PRO D 66 12.88 20.74 -33.59
CA PRO D 66 14.05 21.05 -32.77
C PRO D 66 15.00 22.06 -33.42
N GLY D 67 15.14 23.23 -32.81
CA GLY D 67 16.03 24.26 -33.34
C GLY D 67 15.33 25.58 -33.63
N ASN D 68 14.14 25.49 -34.21
CA ASN D 68 13.32 26.67 -34.50
C ASN D 68 13.10 27.51 -33.25
N THR D 69 13.63 28.72 -33.25
CA THR D 69 13.31 29.64 -32.17
C THR D 69 12.00 30.32 -32.52
N ILE D 70 11.02 30.20 -31.63
CA ILE D 70 9.67 30.69 -31.90
C ILE D 70 9.13 31.48 -30.70
N ALA D 71 8.08 32.26 -30.93
CA ALA D 71 7.57 33.14 -29.88
C ALA D 71 6.16 32.76 -29.45
N LEU D 72 5.98 32.62 -28.14
CA LEU D 72 4.73 32.17 -27.57
C LEU D 72 3.95 33.31 -26.92
N SER D 73 2.66 33.37 -27.23
CA SER D 73 1.74 34.32 -26.65
C SER D 73 0.37 33.66 -26.49
N ASP D 74 -0.56 34.35 -25.83
CA ASP D 74 -1.95 33.87 -25.66
C ASP D 74 -2.04 32.41 -25.25
N TYR D 75 -1.01 31.93 -24.54
CA TYR D 75 -0.97 30.54 -24.11
C TYR D 75 -1.51 30.39 -22.71
N PHE D 76 -1.51 29.16 -22.21
CA PHE D 76 -2.11 28.86 -20.93
C PHE D 76 -1.23 27.99 -20.06
N GLY D 77 -1.11 28.35 -18.78
CA GLY D 77 -0.35 27.59 -17.83
C GLY D 77 -1.28 26.90 -16.86
N MET D 78 -1.06 25.60 -16.67
CA MET D 78 -1.86 24.80 -15.75
C MET D 78 -1.15 23.47 -15.51
N TYR D 79 -1.11 23.05 -14.25
CA TYR D 79 -0.41 21.82 -13.84
C TYR D 79 1.04 21.81 -14.28
N GLY D 80 1.71 22.96 -14.19
CA GLY D 80 3.12 23.04 -14.48
C GLY D 80 3.48 22.69 -15.90
N SER D 81 2.66 23.15 -16.84
CA SER D 81 2.92 22.95 -18.26
C SER D 81 2.20 24.02 -19.07
N LEU D 82 2.65 24.23 -20.30
CA LEU D 82 2.05 25.24 -21.15
C LEU D 82 1.01 24.62 -22.08
N ALA D 83 -0.14 25.27 -22.17
CA ALA D 83 -1.20 24.78 -23.04
C ALA D 83 -1.33 25.67 -24.27
N ILE D 84 -0.97 25.13 -25.42
CA ILE D 84 -1.17 25.83 -26.66
C ILE D 84 -2.34 25.26 -27.42
N HIS D 85 -3.39 26.06 -27.60
CA HIS D 85 -4.63 25.54 -28.18
C HIS D 85 -4.97 26.03 -29.59
N GLU D 86 -4.05 26.74 -30.23
CA GLU D 86 -4.37 27.42 -31.48
C GLU D 86 -3.14 27.72 -32.34
N TYR D 87 -3.37 28.20 -33.56
CA TYR D 87 -2.29 28.70 -34.41
C TYR D 87 -1.68 29.82 -33.60
N SER D 88 -2.55 30.57 -32.95
CA SER D 88 -2.29 31.16 -31.65
C SER D 88 -0.97 31.90 -31.70
N SER D 89 -0.12 31.68 -30.70
CA SER D 89 1.21 32.27 -30.69
C SER D 89 2.17 31.74 -31.76
N VAL D 90 2.17 30.45 -32.05
CA VAL D 90 3.41 29.90 -32.56
C VAL D 90 3.80 30.52 -33.89
N SER D 91 4.76 31.44 -33.81
CA SER D 91 5.24 32.13 -34.98
C SER D 91 6.73 31.87 -35.12
N GLU D 92 7.21 31.79 -36.35
CA GLU D 92 8.63 31.53 -36.56
C GLU D 92 9.46 32.79 -36.33
N VAL D 93 10.75 32.58 -36.12
CA VAL D 93 11.78 33.61 -36.25
C VAL D 93 12.88 32.93 -37.06
N LYS D 94 13.85 33.69 -37.55
CA LYS D 94 14.94 33.09 -38.32
C LYS D 94 15.75 32.12 -37.45
N SER D 95 15.86 30.88 -37.91
CA SER D 95 16.54 29.83 -37.18
C SER D 95 17.71 29.25 -37.97
N ILE D 109 21.03 20.19 -20.79
CA ILE D 109 20.49 18.93 -21.31
C ILE D 109 20.40 17.86 -20.22
N GLU D 110 19.20 17.66 -19.67
CA GLU D 110 19.04 16.75 -18.53
C GLU D 110 17.80 15.86 -18.58
N HIS D 111 17.78 14.87 -17.70
CA HIS D 111 16.62 14.06 -17.38
C HIS D 111 16.68 13.88 -15.88
N LEU D 112 15.71 13.21 -15.27
CA LEU D 112 15.67 13.07 -13.80
C LEU D 112 15.81 11.62 -13.33
N LYS D 113 16.73 11.39 -12.40
CA LYS D 113 16.94 10.07 -11.79
C LYS D 113 15.80 9.69 -10.84
N ILE D 114 15.67 8.39 -10.56
CA ILE D 114 14.54 7.87 -9.78
C ILE D 114 14.52 8.31 -8.31
N CYS D 115 15.60 8.02 -7.56
CA CYS D 115 15.64 8.27 -6.13
C CYS D 115 15.13 9.66 -5.77
N ASP D 116 15.48 10.66 -6.57
CA ASP D 116 15.05 12.03 -6.37
C ASP D 116 13.53 12.11 -6.27
N LEU D 117 12.84 11.25 -7.01
CA LEU D 117 11.39 11.24 -6.99
C LEU D 117 10.84 10.67 -5.68
N HIS D 118 11.61 9.79 -5.05
CA HIS D 118 11.21 9.27 -3.76
C HIS D 118 11.47 10.34 -2.71
N LEU D 119 12.56 11.09 -2.93
CA LEU D 119 12.92 12.21 -2.07
C LEU D 119 12.05 13.43 -2.35
N GLN D 120 11.21 13.33 -3.38
CA GLN D 120 10.22 14.38 -3.64
C GLN D 120 9.16 14.39 -2.55
N THR D 121 8.71 15.58 -2.18
CA THR D 121 7.74 15.77 -1.10
C THR D 121 6.49 16.40 -1.68
N GLU D 122 6.55 16.68 -2.97
CA GLU D 122 5.45 17.29 -3.68
C GLU D 122 5.25 16.53 -4.98
N GLU D 123 4.00 16.38 -5.37
CA GLU D 123 3.64 15.67 -6.59
C GLU D 123 3.93 16.45 -7.89
N ARG D 124 4.75 15.86 -8.76
CA ARG D 124 5.19 16.48 -10.01
C ARG D 124 4.48 15.92 -11.24
N LEU D 125 5.02 16.29 -12.39
CA LEU D 125 4.76 15.62 -13.68
C LEU D 125 6.12 15.11 -14.16
N VAL D 126 6.14 13.97 -14.84
CA VAL D 126 7.41 13.27 -15.09
C VAL D 126 7.64 12.80 -16.54
N ASP D 127 8.78 13.20 -17.10
CA ASP D 127 9.27 12.65 -18.38
C ASP D 127 10.54 11.85 -18.12
N GLY D 128 10.87 10.92 -19.02
CA GLY D 128 12.14 10.23 -18.87
C GLY D 128 12.31 8.87 -19.52
N GLU D 129 13.56 8.39 -19.51
CA GLU D 129 13.93 7.12 -20.09
C GLU D 129 14.37 6.15 -19.00
N PHE D 130 13.64 5.04 -18.87
CA PHE D 130 13.88 4.04 -17.83
C PHE D 130 13.74 2.62 -18.38
N LYS D 131 14.62 1.71 -17.96
CA LYS D 131 14.50 0.30 -18.31
C LYS D 131 13.37 -0.36 -17.54
N VAL D 132 12.74 -1.37 -18.13
CA VAL D 132 11.67 -2.10 -17.46
C VAL D 132 12.19 -3.45 -16.97
N TYR D 133 11.81 -3.85 -15.77
CA TYR D 133 12.34 -5.07 -15.16
C TYR D 133 11.25 -6.08 -14.80
N ARG D 134 10.03 -5.61 -14.61
CA ARG D 134 8.92 -6.51 -14.29
C ARG D 134 7.62 -6.00 -14.87
N LYS D 135 6.67 -6.90 -15.02
CA LYS D 135 5.37 -6.54 -15.56
C LYS D 135 4.34 -7.42 -14.90
N SER D 136 3.13 -6.90 -14.74
CA SER D 136 2.02 -7.68 -14.17
C SER D 136 0.74 -6.89 -14.35
N SER D 137 -0.38 -7.61 -14.39
CA SER D 137 -1.68 -6.99 -14.57
C SER D 137 -2.19 -6.54 -13.20
N GLY D 138 -2.99 -5.48 -13.19
CA GLY D 138 -3.53 -4.94 -11.95
C GLY D 138 -5.03 -5.09 -11.84
N ASN D 139 -5.68 -4.04 -11.33
CA ASN D 139 -7.15 -3.99 -11.26
C ASN D 139 -7.72 -3.77 -12.64
N ASN D 140 -7.48 -2.57 -13.16
CA ASN D 140 -7.86 -2.20 -14.52
C ASN D 140 -6.69 -1.54 -15.19
N CYS D 141 -5.51 -2.11 -15.02
CA CYS D 141 -4.29 -1.41 -15.39
C CYS D 141 -3.13 -2.37 -15.53
N ILE D 142 -2.04 -1.89 -16.10
CA ILE D 142 -0.80 -2.64 -16.15
C ILE D 142 0.21 -2.03 -15.18
N CYS D 143 0.87 -2.85 -14.39
CA CYS D 143 1.95 -2.36 -13.55
C CYS D 143 3.30 -2.74 -14.12
N TYR D 144 4.11 -1.75 -14.44
CA TYR D 144 5.48 -2.03 -14.81
C TYR D 144 6.37 -1.61 -13.64
N GLY D 145 7.55 -2.20 -13.56
CA GLY D 145 8.55 -1.74 -12.62
C GLY D 145 9.70 -1.18 -13.42
N ILE D 146 10.33 -0.12 -12.94
CA ILE D 146 11.42 0.48 -13.71
C ILE D 146 12.75 0.48 -12.97
N TRP D 147 13.69 -0.28 -13.54
CA TRP D 147 15.03 -0.47 -13.01
C TRP D 147 15.83 0.82 -13.20
N ASP D 148 16.86 1.02 -12.38
CA ASP D 148 17.66 2.25 -12.42
C ASP D 148 18.90 2.14 -11.53
N ASP D 149 19.92 2.96 -11.82
CA ASP D 149 21.14 3.02 -11.01
C ASP D 149 20.87 3.43 -9.57
N THR D 150 19.77 4.14 -9.37
CA THR D 150 19.52 4.78 -8.09
C THR D 150 18.24 4.26 -7.42
N GLY D 151 17.73 3.12 -7.87
CA GLY D 151 16.54 2.57 -7.27
C GLY D 151 15.55 1.97 -8.24
N ALA D 152 14.28 2.00 -7.85
CA ALA D 152 13.22 1.33 -8.59
C ALA D 152 11.88 1.94 -8.20
N MET D 153 10.96 2.00 -9.15
CA MET D 153 9.68 2.64 -8.90
C MET D 153 8.59 1.88 -9.63
N LYS D 154 7.35 2.11 -9.24
CA LYS D 154 6.22 1.51 -9.94
C LYS D 154 5.69 2.44 -11.03
N VAL D 155 5.22 1.88 -12.13
CA VAL D 155 4.52 2.67 -13.14
C VAL D 155 3.14 2.08 -13.42
N VAL D 156 2.10 2.79 -13.01
CA VAL D 156 0.74 2.31 -13.20
C VAL D 156 0.12 2.88 -14.47
N VAL D 157 -0.25 2.01 -15.41
CA VAL D 157 -0.83 2.45 -16.68
C VAL D 157 -2.27 2.01 -16.86
N SER D 158 -3.19 2.97 -16.81
CA SER D 158 -4.60 2.66 -17.06
C SER D 158 -5.03 3.29 -18.38
N GLY D 159 -6.28 3.04 -18.77
CA GLY D 159 -6.87 3.65 -19.94
C GLY D 159 -6.26 3.20 -21.26
N GLN D 160 -6.01 4.17 -22.13
CA GLN D 160 -5.61 3.91 -23.50
C GLN D 160 -4.18 3.38 -23.64
N LEU D 161 -3.28 3.85 -22.77
CA LEU D 161 -1.87 3.56 -22.95
C LEU D 161 -1.51 2.08 -22.72
N THR D 162 -2.49 1.30 -22.28
CA THR D 162 -2.31 -0.14 -22.15
C THR D 162 -2.03 -0.77 -23.51
N SER D 163 -2.58 -0.14 -24.55
CA SER D 163 -2.50 -0.62 -25.91
C SER D 163 -1.11 -0.41 -26.54
N VAL D 164 -0.21 0.15 -25.74
CA VAL D 164 1.21 0.20 -26.08
C VAL D 164 1.80 -1.13 -25.68
N ASN D 165 2.33 -1.86 -26.64
CA ASN D 165 2.98 -3.11 -26.29
C ASN D 165 4.27 -2.78 -25.57
N CYS D 166 4.58 -3.55 -24.53
CA CYS D 166 5.75 -3.28 -23.71
C CYS D 166 6.14 -4.53 -22.90
N GLU D 167 7.42 -4.86 -22.90
CA GLU D 167 7.90 -6.08 -22.27
C GLU D 167 9.09 -5.88 -21.33
N ILE D 168 9.44 -6.92 -20.60
CA ILE D 168 10.63 -6.89 -19.75
C ILE D 168 11.89 -6.80 -20.61
N GLY D 169 12.73 -5.80 -20.33
CA GLY D 169 13.96 -5.64 -21.06
C GLY D 169 13.94 -4.43 -21.98
N ASN D 170 12.74 -3.93 -22.28
CA ASN D 170 12.60 -2.73 -23.11
C ASN D 170 13.01 -1.47 -22.37
N THR D 171 12.84 -0.33 -23.03
CA THR D 171 13.15 0.94 -22.40
C THR D 171 12.09 1.95 -22.76
N ILE D 172 11.01 2.03 -21.98
CA ILE D 172 9.97 2.98 -22.30
C ILE D 172 10.44 4.41 -22.11
N ARG D 173 9.88 5.30 -22.92
CA ARG D 173 10.00 6.73 -22.69
C ARG D 173 8.64 7.19 -22.19
N LEU D 174 8.64 7.90 -21.07
CA LEU D 174 7.41 8.39 -20.48
C LEU D 174 7.34 9.90 -20.60
N VAL D 175 6.22 10.42 -21.10
CA VAL D 175 6.03 11.87 -21.08
C VAL D 175 4.69 12.27 -20.46
N CYS D 176 4.73 13.34 -19.68
CA CYS D 176 3.58 13.78 -18.89
C CYS D 176 2.97 12.64 -18.06
N PHE D 177 3.81 12.00 -17.25
CA PHE D 177 3.38 11.00 -16.30
C PHE D 177 3.34 11.64 -14.92
N GLU D 178 2.34 11.31 -14.12
CA GLU D 178 2.19 11.92 -12.82
C GLU D 178 2.92 11.15 -11.72
N LEU D 179 3.72 11.85 -10.92
CA LEU D 179 4.26 11.28 -9.69
C LEU D 179 3.19 11.37 -8.63
N THR D 180 2.74 10.21 -8.15
CA THR D 180 1.52 10.17 -7.37
C THR D 180 1.68 10.05 -5.84
N SER D 181 0.92 10.90 -5.13
CA SER D 181 0.91 10.90 -3.68
C SER D 181 0.13 9.70 -3.20
N ASN D 182 0.82 8.85 -2.45
CA ASN D 182 0.28 7.62 -1.92
C ASN D 182 0.98 7.30 -0.64
N ALA D 183 0.35 6.49 0.18
CA ALA D 183 0.96 6.02 1.39
C ALA D 183 1.98 5.08 0.86
N ASP D 184 2.98 4.73 1.66
CA ASP D 184 3.96 3.78 1.19
C ASP D 184 4.65 4.32 -0.03
N GLU D 185 4.80 3.53 -1.08
CA GLU D 185 5.58 3.93 -2.25
C GLU D 185 4.92 4.96 -3.11
N TRP D 186 5.73 5.78 -3.75
CA TRP D 186 5.21 6.71 -4.74
C TRP D 186 5.53 6.20 -6.15
N PHE D 187 4.52 6.28 -7.01
CA PHE D 187 4.60 5.66 -8.32
C PHE D 187 4.20 6.62 -9.43
N LEU D 188 4.52 6.25 -10.66
CA LEU D 188 4.16 7.03 -11.84
C LEU D 188 2.91 6.46 -12.50
N ARG D 189 1.75 7.08 -12.24
CA ARG D 189 0.50 6.72 -12.93
C ARG D 189 0.41 7.46 -14.28
N ALA D 190 -0.68 7.27 -15.00
CA ALA D 190 -0.85 7.97 -16.27
C ALA D 190 -2.15 8.78 -16.31
N THR D 191 -2.03 10.07 -16.63
CA THR D 191 -3.19 10.96 -16.78
C THR D 191 -3.78 10.93 -18.18
N ARG D 192 -4.63 11.90 -18.50
CA ARG D 192 -5.22 12.01 -19.84
C ARG D 192 -4.18 12.21 -20.93
N TYR D 193 -3.23 13.12 -20.69
CA TYR D 193 -2.34 13.57 -21.75
C TYR D 193 -1.02 12.82 -21.73
N SER D 194 -1.02 11.64 -21.16
CA SER D 194 0.22 10.88 -21.03
C SER D 194 0.45 10.03 -22.27
N TYR D 195 1.73 9.80 -22.56
CA TYR D 195 2.14 9.11 -23.77
C TYR D 195 3.31 8.19 -23.48
N MET D 196 3.25 6.99 -24.04
CA MET D 196 4.26 5.96 -23.81
C MET D 196 4.93 5.59 -25.13
N GLU D 197 6.21 5.19 -25.06
CA GLU D 197 6.98 4.92 -26.27
C GLU D 197 8.18 3.99 -26.01
N VAL D 198 8.12 2.78 -26.57
CA VAL D 198 9.22 1.82 -26.47
C VAL D 198 10.43 2.29 -27.28
N ILE D 199 11.63 1.91 -26.84
CA ILE D 199 12.89 2.31 -27.47
C ILE D 199 13.77 1.07 -27.69
N MET D 200 14.82 1.22 -28.51
CA MET D 200 15.77 0.16 -28.85
C MET D 200 15.12 -0.88 -29.77
#